data_3K3V
# 
_entry.id   3K3V 
# 
_audit_conform.dict_name       mmcif_pdbx.dic 
_audit_conform.dict_version    5.380 
_audit_conform.dict_location   http://mmcif.pdb.org/dictionaries/ascii/mmcif_pdbx.dic 
# 
loop_
_database_2.database_id 
_database_2.database_code 
_database_2.pdbx_database_accession 
_database_2.pdbx_DOI 
PDB   3K3V         pdb_00003k3v 10.2210/pdb3k3v/pdb 
RCSB  RCSB055512   ?            ?                   
WWPDB D_1000055512 ?            ?                   
# 
loop_
_pdbx_database_related.db_name 
_pdbx_database_related.db_id 
_pdbx_database_related.details 
_pdbx_database_related.content_type 
PDB 3FMA 'Crystal structure of the GYF domain of Smy2 in complex with a proline-rich peptide from BBP/ScSF1' unspecified 
PDB 1GYF 'GYF DOMAIN FROM HUMAN CD2BP2 PROTEIN'                                                              unspecified 
PDB 1L2Z 'CD2BP2-GYF domain in complex with proline-rich CD2 tail segment peptide'                           unspecified 
PDB 1SYX 'Crystal structure of a binary U5 snRNP complex'                                                    unspecified 
# 
_pdbx_database_status.entry_id                        3K3V 
_pdbx_database_status.status_code                     REL 
_pdbx_database_status.deposit_site                    RCSB 
_pdbx_database_status.process_site                    PDBJ 
_pdbx_database_status.recvd_initial_deposition_date   2009-10-05 
_pdbx_database_status.status_code_sf                  REL 
_pdbx_database_status.status_code_mr                  ? 
_pdbx_database_status.SG_entry                        ? 
_pdbx_database_status.pdb_format_compatible           Y 
_pdbx_database_status.status_code_cs                  ? 
_pdbx_database_status.status_code_nmr_data            ? 
_pdbx_database_status.methods_development_category    ? 
# 
loop_
_audit_author.name 
_audit_author.pdbx_ordinal 
'Ash, M.R.'   1 
'Faelber, K.' 2 
# 
_citation.id                        primary 
_citation.title                     'SMY2-type GYF domain recognition in mRNA surveillance complexes' 
_citation.journal_abbrev            'To be Published' 
_citation.journal_volume            ? 
_citation.page_first                ? 
_citation.page_last                 ? 
_citation.year                      ? 
_citation.journal_id_ASTM           ? 
_citation.country                   ? 
_citation.journal_id_ISSN           ? 
_citation.journal_id_CSD            0353 
_citation.book_publisher            ? 
_citation.pdbx_database_id_PubMed   ? 
_citation.pdbx_database_id_DOI      ? 
# 
loop_
_citation_author.citation_id 
_citation_author.name 
_citation_author.ordinal 
_citation_author.identifier_ORCID 
primary 'Ash, M.R.'    1 ? 
primary 'Faelber, K.'  2 ? 
primary 'Kosslick, D.' 3 ? 
primary 'Albert, G.'   4 ? 
primary 'Roske, Y.'    5 ? 
primary 'Freund, C.'   6 ? 
# 
_cell.length_a           68.400 
_cell.length_b           68.400 
_cell.length_c           111.321 
_cell.angle_alpha        90.000 
_cell.angle_beta         90.000 
_cell.angle_gamma        120.000 
_cell.entry_id           3K3V 
_cell.pdbx_unique_axis   ? 
_cell.Z_PDB              12 
_cell.length_a_esd       ? 
_cell.length_b_esd       ? 
_cell.length_c_esd       ? 
_cell.angle_alpha_esd    ? 
_cell.angle_beta_esd     ? 
_cell.angle_gamma_esd    ? 
# 
_symmetry.space_group_name_H-M             'P 65 2 2' 
_symmetry.entry_id                         3K3V 
_symmetry.Int_Tables_number                179 
_symmetry.pdbx_full_space_group_name_H-M   ? 
_symmetry.cell_setting                     ? 
_symmetry.space_group_name_Hall            ? 
# 
loop_
_entity.id 
_entity.type 
_entity.src_method 
_entity.pdbx_description 
_entity.formula_weight 
_entity.pdbx_number_of_molecules 
_entity.pdbx_ec 
_entity.pdbx_mutation 
_entity.pdbx_fragment 
_entity.details 
1 polymer man 'Protein SMY2' 11109.328 1  ? ? 'GYF domain' ? 
2 water   nat water          18.015    84 ? ? ?            ? 
# 
_entity_name_com.entity_id   1 
_entity_name_com.name        'Suppressor of MYO2-66 protein' 
# 
_entity_poly.entity_id                      1 
_entity_poly.type                           'polypeptide(L)' 
_entity_poly.nstd_linkage                   no 
_entity_poly.nstd_monomer                   no 
_entity_poly.pdbx_seq_one_letter_code       
;GSNGMSQLPAPVSVESSWRYIDTQGQIHGPFTTQMMSQWYIGGYFASTLQISRLGSTPETLGINDIFITLGELMTKLEKY
DTDPFTTFDKLHVQTTSSDS
;
_entity_poly.pdbx_seq_one_letter_code_can   
;GSNGMSQLPAPVSVESSWRYIDTQGQIHGPFTTQMMSQWYIGGYFASTLQISRLGSTPETLGINDIFITLGELMTKLEKY
DTDPFTTFDKLHVQTTSSDS
;
_entity_poly.pdbx_strand_id                 A 
_entity_poly.pdbx_target_identifier         ? 
# 
loop_
_entity_poly_seq.entity_id 
_entity_poly_seq.num 
_entity_poly_seq.mon_id 
_entity_poly_seq.hetero 
1 1   GLY n 
1 2   SER n 
1 3   ASN n 
1 4   GLY n 
1 5   MET n 
1 6   SER n 
1 7   GLN n 
1 8   LEU n 
1 9   PRO n 
1 10  ALA n 
1 11  PRO n 
1 12  VAL n 
1 13  SER n 
1 14  VAL n 
1 15  GLU n 
1 16  SER n 
1 17  SER n 
1 18  TRP n 
1 19  ARG n 
1 20  TYR n 
1 21  ILE n 
1 22  ASP n 
1 23  THR n 
1 24  GLN n 
1 25  GLY n 
1 26  GLN n 
1 27  ILE n 
1 28  HIS n 
1 29  GLY n 
1 30  PRO n 
1 31  PHE n 
1 32  THR n 
1 33  THR n 
1 34  GLN n 
1 35  MET n 
1 36  MET n 
1 37  SER n 
1 38  GLN n 
1 39  TRP n 
1 40  TYR n 
1 41  ILE n 
1 42  GLY n 
1 43  GLY n 
1 44  TYR n 
1 45  PHE n 
1 46  ALA n 
1 47  SER n 
1 48  THR n 
1 49  LEU n 
1 50  GLN n 
1 51  ILE n 
1 52  SER n 
1 53  ARG n 
1 54  LEU n 
1 55  GLY n 
1 56  SER n 
1 57  THR n 
1 58  PRO n 
1 59  GLU n 
1 60  THR n 
1 61  LEU n 
1 62  GLY n 
1 63  ILE n 
1 64  ASN n 
1 65  ASP n 
1 66  ILE n 
1 67  PHE n 
1 68  ILE n 
1 69  THR n 
1 70  LEU n 
1 71  GLY n 
1 72  GLU n 
1 73  LEU n 
1 74  MET n 
1 75  THR n 
1 76  LYS n 
1 77  LEU n 
1 78  GLU n 
1 79  LYS n 
1 80  TYR n 
1 81  ASP n 
1 82  THR n 
1 83  ASP n 
1 84  PRO n 
1 85  PHE n 
1 86  THR n 
1 87  THR n 
1 88  PHE n 
1 89  ASP n 
1 90  LYS n 
1 91  LEU n 
1 92  HIS n 
1 93  VAL n 
1 94  GLN n 
1 95  THR n 
1 96  THR n 
1 97  SER n 
1 98  SER n 
1 99  ASP n 
1 100 SER n 
# 
_entity_src_gen.entity_id                          1 
_entity_src_gen.pdbx_src_id                        1 
_entity_src_gen.pdbx_alt_source_flag               sample 
_entity_src_gen.pdbx_seq_type                      ? 
_entity_src_gen.pdbx_beg_seq_num                   ? 
_entity_src_gen.pdbx_end_seq_num                   ? 
_entity_src_gen.gene_src_common_name               yeast 
_entity_src_gen.gene_src_genus                     ? 
_entity_src_gen.pdbx_gene_src_gene                 SMY2 
_entity_src_gen.gene_src_species                   ? 
_entity_src_gen.gene_src_strain                    ? 
_entity_src_gen.gene_src_tissue                    ? 
_entity_src_gen.gene_src_tissue_fraction           ? 
_entity_src_gen.gene_src_details                   ? 
_entity_src_gen.pdbx_gene_src_fragment             ? 
_entity_src_gen.pdbx_gene_src_scientific_name      'Saccharomyces cerevisiae' 
_entity_src_gen.pdbx_gene_src_ncbi_taxonomy_id     4932 
_entity_src_gen.pdbx_gene_src_variant              ? 
_entity_src_gen.pdbx_gene_src_cell_line            ? 
_entity_src_gen.pdbx_gene_src_atcc                 ? 
_entity_src_gen.pdbx_gene_src_organ                ? 
_entity_src_gen.pdbx_gene_src_organelle            ? 
_entity_src_gen.pdbx_gene_src_cell                 ? 
_entity_src_gen.pdbx_gene_src_cellular_location    ? 
_entity_src_gen.host_org_common_name               ? 
_entity_src_gen.pdbx_host_org_scientific_name      'Escherichia coli BL21(DE3)' 
_entity_src_gen.pdbx_host_org_ncbi_taxonomy_id     469008 
_entity_src_gen.host_org_genus                     ? 
_entity_src_gen.pdbx_host_org_gene                 ? 
_entity_src_gen.pdbx_host_org_organ                ? 
_entity_src_gen.host_org_species                   ? 
_entity_src_gen.pdbx_host_org_tissue               ? 
_entity_src_gen.pdbx_host_org_tissue_fraction      ? 
_entity_src_gen.pdbx_host_org_strain               'BL21(DE3)' 
_entity_src_gen.pdbx_host_org_variant              ? 
_entity_src_gen.pdbx_host_org_cell_line            ? 
_entity_src_gen.pdbx_host_org_atcc                 ? 
_entity_src_gen.pdbx_host_org_culture_collection   ? 
_entity_src_gen.pdbx_host_org_cell                 ? 
_entity_src_gen.pdbx_host_org_organelle            ? 
_entity_src_gen.pdbx_host_org_cellular_location    ? 
_entity_src_gen.pdbx_host_org_vector_type          plasmid 
_entity_src_gen.pdbx_host_org_vector               ? 
_entity_src_gen.host_org_details                   ? 
_entity_src_gen.expression_system_id               ? 
_entity_src_gen.plasmid_name                       pET28 
_entity_src_gen.plasmid_details                    ? 
_entity_src_gen.pdbx_description                   ? 
# 
_struct_ref.id                         1 
_struct_ref.db_name                    UNP 
_struct_ref.db_code                    SMY2_YEAST 
_struct_ref.pdbx_db_accession          P32909 
_struct_ref.entity_id                  1 
_struct_ref.pdbx_seq_one_letter_code   
;NGMSQLPAPVSVESSWRYIDTQGQIHGPFTTQMMSQWYIGGYFASTLQISRLGSTPETLGINDIFITLGELMTKLEKYDT
DPFTTFDKLHVQTTSSDS
;
_struct_ref.pdbx_align_begin           193 
_struct_ref.pdbx_db_isoform            ? 
# 
_struct_ref_seq.align_id                      1 
_struct_ref_seq.ref_id                        1 
_struct_ref_seq.pdbx_PDB_id_code              3K3V 
_struct_ref_seq.pdbx_strand_id                A 
_struct_ref_seq.seq_align_beg                 3 
_struct_ref_seq.pdbx_seq_align_beg_ins_code   ? 
_struct_ref_seq.seq_align_end                 100 
_struct_ref_seq.pdbx_seq_align_end_ins_code   ? 
_struct_ref_seq.pdbx_db_accession             P32909 
_struct_ref_seq.db_align_beg                  193 
_struct_ref_seq.pdbx_db_align_beg_ins_code    ? 
_struct_ref_seq.db_align_end                  290 
_struct_ref_seq.pdbx_db_align_end_ins_code    ? 
_struct_ref_seq.pdbx_auth_seq_align_beg       3 
_struct_ref_seq.pdbx_auth_seq_align_end       100 
# 
loop_
_struct_ref_seq_dif.align_id 
_struct_ref_seq_dif.pdbx_pdb_id_code 
_struct_ref_seq_dif.mon_id 
_struct_ref_seq_dif.pdbx_pdb_strand_id 
_struct_ref_seq_dif.seq_num 
_struct_ref_seq_dif.pdbx_pdb_ins_code 
_struct_ref_seq_dif.pdbx_seq_db_name 
_struct_ref_seq_dif.pdbx_seq_db_accession_code 
_struct_ref_seq_dif.db_mon_id 
_struct_ref_seq_dif.pdbx_seq_db_seq_num 
_struct_ref_seq_dif.details 
_struct_ref_seq_dif.pdbx_auth_seq_num 
_struct_ref_seq_dif.pdbx_ordinal 
1 3K3V GLY A 1 ? UNP P32909 ? ? 'expression tag' 1 1 
1 3K3V SER A 2 ? UNP P32909 ? ? 'expression tag' 2 2 
# 
loop_
_chem_comp.id 
_chem_comp.type 
_chem_comp.mon_nstd_flag 
_chem_comp.name 
_chem_comp.pdbx_synonyms 
_chem_comp.formula 
_chem_comp.formula_weight 
ALA 'L-peptide linking' y ALANINE         ? 'C3 H7 N O2'     89.093  
ARG 'L-peptide linking' y ARGININE        ? 'C6 H15 N4 O2 1' 175.209 
ASN 'L-peptide linking' y ASPARAGINE      ? 'C4 H8 N2 O3'    132.118 
ASP 'L-peptide linking' y 'ASPARTIC ACID' ? 'C4 H7 N O4'     133.103 
GLN 'L-peptide linking' y GLUTAMINE       ? 'C5 H10 N2 O3'   146.144 
GLU 'L-peptide linking' y 'GLUTAMIC ACID' ? 'C5 H9 N O4'     147.129 
GLY 'peptide linking'   y GLYCINE         ? 'C2 H5 N O2'     75.067  
HIS 'L-peptide linking' y HISTIDINE       ? 'C6 H10 N3 O2 1' 156.162 
HOH non-polymer         . WATER           ? 'H2 O'           18.015  
ILE 'L-peptide linking' y ISOLEUCINE      ? 'C6 H13 N O2'    131.173 
LEU 'L-peptide linking' y LEUCINE         ? 'C6 H13 N O2'    131.173 
LYS 'L-peptide linking' y LYSINE          ? 'C6 H15 N2 O2 1' 147.195 
MET 'L-peptide linking' y METHIONINE      ? 'C5 H11 N O2 S'  149.211 
PHE 'L-peptide linking' y PHENYLALANINE   ? 'C9 H11 N O2'    165.189 
PRO 'L-peptide linking' y PROLINE         ? 'C5 H9 N O2'     115.130 
SER 'L-peptide linking' y SERINE          ? 'C3 H7 N O3'     105.093 
THR 'L-peptide linking' y THREONINE       ? 'C4 H9 N O3'     119.119 
TRP 'L-peptide linking' y TRYPTOPHAN      ? 'C11 H12 N2 O2'  204.225 
TYR 'L-peptide linking' y TYROSINE        ? 'C9 H11 N O3'    181.189 
VAL 'L-peptide linking' y VALINE          ? 'C5 H11 N O2'    117.146 
# 
_exptl.crystals_number   1 
_exptl.entry_id          3K3V 
_exptl.method            'X-RAY DIFFRACTION' 
# 
_exptl_crystal.id                    1 
_exptl_crystal.pdbx_mosaicity        ? 
_exptl_crystal.pdbx_mosaicity_esd    ? 
_exptl_crystal.density_Matthews      3.38 
_exptl_crystal.density_diffrn        ? 
_exptl_crystal.density_meas          ? 
_exptl_crystal.density_meas_temp     ? 
_exptl_crystal.density_percent_sol   63.65 
_exptl_crystal.size_max              ? 
_exptl_crystal.size_mid              ? 
_exptl_crystal.size_min              ? 
_exptl_crystal.size_rad              ? 
_exptl_crystal.description           ? 
_exptl_crystal.F_000                 ? 
_exptl_crystal.preparation           ? 
# 
_exptl_crystal_grow.crystal_id      1 
_exptl_crystal_grow.method          'VAPOR DIFFUSION, SITTING DROP' 
_exptl_crystal_grow.pH              7.5 
_exptl_crystal_grow.temp            293 
_exptl_crystal_grow.pdbx_details    
'18% polyacrylic acid, 0.15M MgCl2, 0.1M Na-HEPES, pH 7.5, Vapor diffusion, sitting drop, temperature 293K' 
_exptl_crystal_grow.temp_details    ? 
_exptl_crystal_grow.pdbx_pH_range   . 
# 
_diffrn.id                     1 
_diffrn.ambient_temp           100 
_diffrn.ambient_temp_details   ? 
_diffrn.crystal_id             1 
# 
_diffrn_detector.diffrn_id              1 
_diffrn_detector.detector               CCD 
_diffrn_detector.type                   'MAR CCD 165 mm' 
_diffrn_detector.pdbx_collection_date   2006-07-19 
_diffrn_detector.details                ? 
# 
_diffrn_radiation.diffrn_id                        1 
_diffrn_radiation.pdbx_diffrn_protocol             'SINGLE WAVELENGTH' 
_diffrn_radiation.monochromator                    ? 
_diffrn_radiation.wavelength_id                    1 
_diffrn_radiation.pdbx_monochromatic_or_laue_m_l   M 
_diffrn_radiation.pdbx_scattering_type             x-ray 
# 
_diffrn_radiation_wavelength.id           1 
_diffrn_radiation_wavelength.wavelength   0.91841 
_diffrn_radiation_wavelength.wt           1.0 
# 
_diffrn_source.diffrn_id                   1 
_diffrn_source.source                      SYNCHROTRON 
_diffrn_source.type                        'BESSY BEAMLINE 14.2' 
_diffrn_source.pdbx_wavelength_list        0.91841 
_diffrn_source.pdbx_wavelength             ? 
_diffrn_source.pdbx_synchrotron_site       BESSY 
_diffrn_source.pdbx_synchrotron_beamline   14.2 
# 
_reflns.entry_id                     3K3V 
_reflns.d_resolution_high            1.800 
_reflns.d_resolution_low             25.190 
_reflns.number_all                   14884 
_reflns.number_obs                   14884 
_reflns.pdbx_Rmerge_I_obs            0.075 
_reflns.pdbx_netI_over_sigmaI        31.400 
_reflns.pdbx_Rsym_value              ? 
_reflns.pdbx_redundancy              20.900 
_reflns.percent_possible_obs         99.800 
_reflns.observed_criterion_sigma_F   ? 
_reflns.observed_criterion_sigma_I   ? 
_reflns.B_iso_Wilson_estimate        25.5 
_reflns.R_free_details               ? 
_reflns.limit_h_max                  ? 
_reflns.limit_h_min                  ? 
_reflns.limit_k_max                  ? 
_reflns.limit_k_min                  ? 
_reflns.limit_l_max                  ? 
_reflns.limit_l_min                  ? 
_reflns.observed_criterion_F_max     ? 
_reflns.observed_criterion_F_min     ? 
_reflns.pdbx_chi_squared             ? 
_reflns.pdbx_scaling_rejects         ? 
_reflns.pdbx_ordinal                 1 
_reflns.pdbx_diffrn_id               1 
# 
_reflns_shell.d_res_high             1.80 
_reflns_shell.d_res_low              1.90 
_reflns_shell.number_measured_obs    ? 
_reflns_shell.number_measured_all    42500 
_reflns_shell.number_unique_obs      ? 
_reflns_shell.Rmerge_I_obs           0.656 
_reflns_shell.meanI_over_sigI_obs    5.2 
_reflns_shell.pdbx_Rsym_value        ? 
_reflns_shell.pdbx_chi_squared       ? 
_reflns_shell.pdbx_redundancy        20.20 
_reflns_shell.percent_possible_obs   ? 
_reflns_shell.number_unique_all      2107 
_reflns_shell.percent_possible_all   99.70 
_reflns_shell.pdbx_ordinal           1 
_reflns_shell.pdbx_diffrn_id         1 
# 
_refine.entry_id                                 3K3V 
_refine.ls_d_res_high                            1.800 
_refine.ls_d_res_low                             25.190 
_refine.pdbx_ls_sigma_F                          0.00 
_refine.pdbx_data_cutoff_high_absF               ? 
_refine.pdbx_data_cutoff_low_absF                ? 
_refine.ls_percent_reflns_obs                    99.640 
_refine.ls_number_reflns_obs                     14837 
_refine.ls_number_reflns_all                     14837 
_refine.pdbx_ls_cross_valid_method               THROUGHOUT 
_refine.pdbx_R_Free_selection_details            RANDOM 
_refine.details                                  'HYDROGENS HAVE BEEN ADDED IN THE RIDING POSITIONS U VALUES: RESIDUAL ONLY' 
_refine.ls_R_factor_all                          ? 
_refine.ls_R_factor_obs                          ? 
_refine.ls_R_factor_R_work                       0.208 
_refine.ls_wR_factor_R_work                      ? 
_refine.ls_R_factor_R_free                       0.224 
_refine.ls_wR_factor_R_free                      ? 
_refine.ls_percent_reflns_R_free                 5.000 
_refine.ls_number_reflns_R_free                  747 
_refine.ls_R_factor_R_free_error                 ? 
_refine.B_iso_mean                               15.654 
_refine.solvent_model_param_bsol                 ? 
_refine.solvent_model_param_ksol                 ? 
_refine.pdbx_isotropic_thermal_model             'Isotropic with TLS' 
_refine.aniso_B[1][1]                            -0.290 
_refine.aniso_B[2][2]                            -0.290 
_refine.aniso_B[3][3]                            0.430 
_refine.aniso_B[1][2]                            -0.140 
_refine.aniso_B[1][3]                            0.000 
_refine.aniso_B[2][3]                            0.000 
_refine.correlation_coeff_Fo_to_Fc               0.949 
_refine.correlation_coeff_Fo_to_Fc_free          0.938 
_refine.overall_SU_R_Cruickshank_DPI             ? 
_refine.overall_SU_R_free                        ? 
_refine.pdbx_overall_ESU_R                       0.099 
_refine.pdbx_overall_ESU_R_Free                  0.094 
_refine.overall_SU_ML                            0.063 
_refine.overall_SU_B                             4.467 
_refine.solvent_model_details                    'BABINET MODEL WITH MASK' 
_refine.pdbx_solvent_vdw_probe_radii             1.200 
_refine.pdbx_solvent_ion_probe_radii             0.800 
_refine.pdbx_solvent_shrinkage_radii             0.800 
_refine.ls_number_parameters                     ? 
_refine.ls_number_restraints                     ? 
_refine.pdbx_starting_model                      3FMA 
_refine.pdbx_method_to_determine_struct          'MOLECULAR REPLACEMENT' 
_refine.pdbx_stereochemistry_target_values       'MAXIMUM LIKELIHOOD' 
_refine.pdbx_stereochem_target_val_spec_case     ? 
_refine.overall_FOM_work_R_set                   ? 
_refine.B_iso_max                                38.93 
_refine.B_iso_min                                6.97 
_refine.occupancy_max                            1.00 
_refine.occupancy_min                            0.40 
_refine.pdbx_ls_sigma_I                          ? 
_refine.ls_redundancy_reflns_obs                 ? 
_refine.ls_R_factor_R_free_error_details         ? 
_refine.pdbx_data_cutoff_high_rms_absF           ? 
_refine.overall_FOM_free_R_set                   ? 
_refine.pdbx_refine_id                           'X-RAY DIFFRACTION' 
_refine.pdbx_overall_phase_error                 ? 
_refine.pdbx_TLS_residual_ADP_flag               'LIKELY RESIDUAL' 
_refine.pdbx_diffrn_id                           1 
_refine.pdbx_overall_SU_R_free_Cruickshank_DPI   ? 
_refine.pdbx_overall_SU_R_Blow_DPI               ? 
_refine.pdbx_overall_SU_R_free_Blow_DPI          ? 
# 
_refine_hist.pdbx_refine_id                   'X-RAY DIFFRACTION' 
_refine_hist.cycle_id                         LAST 
_refine_hist.pdbx_number_atoms_protein        639 
_refine_hist.pdbx_number_atoms_nucleic_acid   0 
_refine_hist.pdbx_number_atoms_ligand         0 
_refine_hist.number_atoms_solvent             84 
_refine_hist.number_atoms_total               723 
_refine_hist.d_res_high                       1.800 
_refine_hist.d_res_low                        25.190 
# 
loop_
_refine_ls_restr.type 
_refine_ls_restr.number 
_refine_ls_restr.dev_ideal 
_refine_ls_restr.dev_ideal_target 
_refine_ls_restr.weight 
_refine_ls_restr.pdbx_refine_id 
_refine_ls_restr.pdbx_restraint_function 
r_bond_refined_d       682 0.011  0.022  ? 'X-RAY DIFFRACTION' ? 
r_angle_refined_deg    932 1.497  1.944  ? 'X-RAY DIFFRACTION' ? 
r_dihedral_angle_1_deg 86  5.427  5.000  ? 'X-RAY DIFFRACTION' ? 
r_dihedral_angle_2_deg 31  32.984 24.516 ? 'X-RAY DIFFRACTION' ? 
r_dihedral_angle_3_deg 117 12.324 15.000 ? 'X-RAY DIFFRACTION' ? 
r_dihedral_angle_4_deg 2   17.912 15.000 ? 'X-RAY DIFFRACTION' ? 
r_chiral_restr         104 0.088  0.200  ? 'X-RAY DIFFRACTION' ? 
r_gen_planes_refined   517 0.005  0.021  ? 'X-RAY DIFFRACTION' ? 
r_mcbond_it            405 1.510  2.000  ? 'X-RAY DIFFRACTION' ? 
r_mcangle_it           665 2.304  3.000  ? 'X-RAY DIFFRACTION' ? 
r_scbond_it            277 2.366  3.000  ? 'X-RAY DIFFRACTION' ? 
r_scangle_it           264 3.415  3.500  ? 'X-RAY DIFFRACTION' ? 
# 
_refine_ls_shell.d_res_high                       1.800 
_refine_ls_shell.d_res_low                        1.846 
_refine_ls_shell.pdbx_total_number_of_bins_used   20 
_refine_ls_shell.percent_reflns_obs               99.620 
_refine_ls_shell.number_reflns_R_work             998 
_refine_ls_shell.R_factor_all                     ? 
_refine_ls_shell.R_factor_R_work                  0.235 
_refine_ls_shell.R_factor_R_free                  0.274 
_refine_ls_shell.percent_reflns_R_free            ? 
_refine_ls_shell.number_reflns_R_free             57 
_refine_ls_shell.R_factor_R_free_error            ? 
_refine_ls_shell.number_reflns_all                1055 
_refine_ls_shell.number_reflns_obs                1055 
_refine_ls_shell.redundancy_reflns_obs            ? 
_refine_ls_shell.pdbx_refine_id                   'X-RAY DIFFRACTION' 
# 
_struct.entry_id                  3K3V 
_struct.title                     'Crystal structure the GYF domain of S. Cerevisiae SMY2' 
_struct.pdbx_model_details        ? 
_struct.pdbx_CASP_flag            ? 
_struct.pdbx_model_type_details   ? 
# 
_struct_keywords.entry_id        3K3V 
_struct_keywords.text            'GYF domain, poly-proline binding, domain swap, RAGNYA, SMY2, Phosphoprotein, PROTEIN BINDING' 
_struct_keywords.pdbx_keywords   'PROTEIN BINDING' 
# 
loop_
_struct_asym.id 
_struct_asym.pdbx_blank_PDB_chainid_flag 
_struct_asym.pdbx_modified 
_struct_asym.entity_id 
_struct_asym.details 
A N N 1 ? 
B N N 2 ? 
# 
_struct_biol.id        1 
_struct_biol.details   ? 
# 
loop_
_struct_conf.conf_type_id 
_struct_conf.id 
_struct_conf.pdbx_PDB_helix_id 
_struct_conf.beg_label_comp_id 
_struct_conf.beg_label_asym_id 
_struct_conf.beg_label_seq_id 
_struct_conf.pdbx_beg_PDB_ins_code 
_struct_conf.end_label_comp_id 
_struct_conf.end_label_asym_id 
_struct_conf.end_label_seq_id 
_struct_conf.pdbx_end_PDB_ins_code 
_struct_conf.beg_auth_comp_id 
_struct_conf.beg_auth_asym_id 
_struct_conf.beg_auth_seq_id 
_struct_conf.end_auth_comp_id 
_struct_conf.end_auth_asym_id 
_struct_conf.end_auth_seq_id 
_struct_conf.pdbx_PDB_helix_class 
_struct_conf.details 
_struct_conf.pdbx_PDB_helix_length 
HELX_P HELX_P1 1 THR A 33 ? GLY A 42 ? THR A 33 GLY A 42 1 ? 10 
HELX_P HELX_P2 2 LEU A 70 ? LYS A 79 ? LEU A 70 LYS A 79 1 ? 10 
HELX_P HELX_P3 3 ASP A 83 ? VAL A 93 ? ASP A 83 VAL A 93 1 ? 11 
# 
_struct_conf_type.id          HELX_P 
_struct_conf_type.criteria    ? 
_struct_conf_type.reference   ? 
# 
_struct_mon_prot_cis.pdbx_id                1 
_struct_mon_prot_cis.label_comp_id          GLY 
_struct_mon_prot_cis.label_seq_id           29 
_struct_mon_prot_cis.label_asym_id          A 
_struct_mon_prot_cis.label_alt_id           . 
_struct_mon_prot_cis.pdbx_PDB_ins_code      ? 
_struct_mon_prot_cis.auth_comp_id           GLY 
_struct_mon_prot_cis.auth_seq_id            29 
_struct_mon_prot_cis.auth_asym_id           A 
_struct_mon_prot_cis.pdbx_label_comp_id_2   PRO 
_struct_mon_prot_cis.pdbx_label_seq_id_2    30 
_struct_mon_prot_cis.pdbx_label_asym_id_2   A 
_struct_mon_prot_cis.pdbx_PDB_ins_code_2    ? 
_struct_mon_prot_cis.pdbx_auth_comp_id_2    PRO 
_struct_mon_prot_cis.pdbx_auth_seq_id_2     30 
_struct_mon_prot_cis.pdbx_auth_asym_id_2    A 
_struct_mon_prot_cis.pdbx_PDB_model_num     1 
_struct_mon_prot_cis.pdbx_omega_angle       0.59 
# 
_struct_sheet.id               A 
_struct_sheet.type             ? 
_struct_sheet.number_strands   4 
_struct_sheet.details          ? 
# 
loop_
_struct_sheet_order.sheet_id 
_struct_sheet_order.range_id_1 
_struct_sheet_order.range_id_2 
_struct_sheet_order.offset 
_struct_sheet_order.sense 
A 1 2 ? anti-parallel 
A 2 3 ? anti-parallel 
A 3 4 ? anti-parallel 
# 
loop_
_struct_sheet_range.sheet_id 
_struct_sheet_range.id 
_struct_sheet_range.beg_label_comp_id 
_struct_sheet_range.beg_label_asym_id 
_struct_sheet_range.beg_label_seq_id 
_struct_sheet_range.pdbx_beg_PDB_ins_code 
_struct_sheet_range.end_label_comp_id 
_struct_sheet_range.end_label_asym_id 
_struct_sheet_range.end_label_seq_id 
_struct_sheet_range.pdbx_end_PDB_ins_code 
_struct_sheet_range.beg_auth_comp_id 
_struct_sheet_range.beg_auth_asym_id 
_struct_sheet_range.beg_auth_seq_id 
_struct_sheet_range.end_auth_comp_id 
_struct_sheet_range.end_auth_asym_id 
_struct_sheet_range.end_auth_seq_id 
A 1 ILE A 27 ? THR A 32 ? ILE A 27 THR A 32 
A 2 SER A 17 ? ILE A 21 ? SER A 17 ILE A 21 
A 3 GLN A 50 ? ARG A 53 ? GLN A 50 ARG A 53 
A 4 ILE A 68 ? THR A 69 ? ILE A 68 THR A 69 
# 
loop_
_pdbx_struct_sheet_hbond.sheet_id 
_pdbx_struct_sheet_hbond.range_id_1 
_pdbx_struct_sheet_hbond.range_id_2 
_pdbx_struct_sheet_hbond.range_1_label_atom_id 
_pdbx_struct_sheet_hbond.range_1_label_comp_id 
_pdbx_struct_sheet_hbond.range_1_label_asym_id 
_pdbx_struct_sheet_hbond.range_1_label_seq_id 
_pdbx_struct_sheet_hbond.range_1_PDB_ins_code 
_pdbx_struct_sheet_hbond.range_1_auth_atom_id 
_pdbx_struct_sheet_hbond.range_1_auth_comp_id 
_pdbx_struct_sheet_hbond.range_1_auth_asym_id 
_pdbx_struct_sheet_hbond.range_1_auth_seq_id 
_pdbx_struct_sheet_hbond.range_2_label_atom_id 
_pdbx_struct_sheet_hbond.range_2_label_comp_id 
_pdbx_struct_sheet_hbond.range_2_label_asym_id 
_pdbx_struct_sheet_hbond.range_2_label_seq_id 
_pdbx_struct_sheet_hbond.range_2_PDB_ins_code 
_pdbx_struct_sheet_hbond.range_2_auth_atom_id 
_pdbx_struct_sheet_hbond.range_2_auth_comp_id 
_pdbx_struct_sheet_hbond.range_2_auth_asym_id 
_pdbx_struct_sheet_hbond.range_2_auth_seq_id 
A 1 2 O HIS A 28 ? O HIS A 28 N TYR A 20 ? N TYR A 20 
A 2 3 N ARG A 19 ? N ARG A 19 O SER A 52 ? O SER A 52 
A 3 4 N ILE A 51 ? N ILE A 51 O ILE A 68 ? O ILE A 68 
# 
_atom_sites.entry_id                    3K3V 
_atom_sites.fract_transf_matrix[1][1]   0.00787505 
_atom_sites.fract_transf_matrix[1][2]   0.00553928 
_atom_sites.fract_transf_matrix[1][3]   0.01386704 
_atom_sites.fract_transf_matrix[2][1]   0.01673037 
_atom_sites.fract_transf_matrix[2][2]   0.00225410 
_atom_sites.fract_transf_matrix[2][3]   -0.00012531 
_atom_sites.fract_transf_matrix[3][1]   -0.00116291 
_atom_sites.fract_transf_matrix[3][2]   0.00847975 
_atom_sites.fract_transf_matrix[3][3]   -0.00272687 
_atom_sites.fract_transf_vector[1]      -0.196694 
_atom_sites.fract_transf_vector[2]      0.219838 
_atom_sites.fract_transf_vector[3]      -0.064217 
# 
loop_
_atom_type.symbol 
C 
N 
O 
S 
# 
loop_
_atom_site.group_PDB 
_atom_site.id 
_atom_site.type_symbol 
_atom_site.label_atom_id 
_atom_site.label_alt_id 
_atom_site.label_comp_id 
_atom_site.label_asym_id 
_atom_site.label_entity_id 
_atom_site.label_seq_id 
_atom_site.pdbx_PDB_ins_code 
_atom_site.Cartn_x 
_atom_site.Cartn_y 
_atom_site.Cartn_z 
_atom_site.occupancy 
_atom_site.B_iso_or_equiv 
_atom_site.pdbx_formal_charge 
_atom_site.auth_seq_id 
_atom_site.auth_comp_id 
_atom_site.auth_asym_id 
_atom_site.auth_atom_id 
_atom_site.pdbx_PDB_model_num 
ATOM   1   N N   . GLU A 1 15 ? 4.724   0.957   12.468  1.00 19.03 ? 15  GLU A N   1 
ATOM   2   C CA  . GLU A 1 15 ? 4.141   0.464   11.174  1.00 16.94 ? 15  GLU A CA  1 
ATOM   3   C C   . GLU A 1 15 ? 2.861   1.242   10.875  1.00 15.92 ? 15  GLU A C   1 
ATOM   4   O O   . GLU A 1 15 ? 2.219   1.760   11.793  1.00 18.49 ? 15  GLU A O   1 
ATOM   5   C CB  . GLU A 1 15 ? 3.887   -1.056  11.211  1.00 19.37 ? 15  GLU A CB  1 
ATOM   6   C CG  . GLU A 1 15 ? 2.583   -1.506  11.858  1.00 19.97 ? 15  GLU A CG  1 
ATOM   7   C CD  . GLU A 1 15 ? 2.369   -3.017  11.893  1.00 20.59 ? 15  GLU A CD  1 
ATOM   8   O OE1 . GLU A 1 15 ? 2.514   -3.721  10.861  1.00 18.31 ? 15  GLU A OE1 1 
ATOM   9   O OE2 . GLU A 1 15 ? 2.027   -3.508  12.988  1.00 19.64 ? 15  GLU A OE2 1 
ATOM   10  N N   . SER A 1 16 ? 2.485   1.340   9.604   1.00 14.98 ? 16  SER A N   1 
ATOM   11  C CA  . SER A 1 16 ? 1.256   2.036   9.231   1.00 14.10 ? 16  SER A CA  1 
ATOM   12  C C   . SER A 1 16 ? 0.008   1.202   9.501   1.00 12.56 ? 16  SER A C   1 
ATOM   13  O O   . SER A 1 16 ? 0.104   -0.007  9.748   1.00 14.67 ? 16  SER A O   1 
ATOM   14  C CB  . SER A 1 16 ? 1.262   2.326   7.730   1.00 12.14 ? 16  SER A CB  1 
ATOM   15  O OG  . SER A 1 16 ? 2.329   3.186   7.364   1.00 14.85 ? 16  SER A OG  1 
ATOM   16  N N   . SER A 1 17 ? -1.149  1.872   9.484   1.00 13.66 ? 17  SER A N   1 
ATOM   17  C CA  A SER A 1 17 ? -2.431  1.188   9.394   0.60 12.06 ? 17  SER A CA  1 
ATOM   18  C CA  B SER A 1 17 ? -2.441  1.196   9.405   0.40 12.59 ? 17  SER A CA  1 
ATOM   19  C C   . SER A 1 17 ? -3.178  1.695   8.159   1.00 12.30 ? 17  SER A C   1 
ATOM   20  O O   . SER A 1 17 ? -2.892  2.791   7.639   1.00 13.52 ? 17  SER A O   1 
ATOM   21  C CB  A SER A 1 17 ? -3.222  1.276   10.700  0.60 14.34 ? 17  SER A CB  1 
ATOM   22  C CB  B SER A 1 17 ? -3.269  1.327   10.689  0.40 14.36 ? 17  SER A CB  1 
ATOM   23  O OG  A SER A 1 17 ? -2.638  0.394   11.647  0.60 11.77 ? 17  SER A OG  1 
ATOM   24  O OG  B SER A 1 17 ? -3.747  2.640   10.887  0.40 14.23 ? 17  SER A OG  1 
ATOM   25  N N   . TRP A 1 18 ? -4.114  0.876   7.687   1.00 9.52  ? 18  TRP A N   1 
ATOM   26  C CA  . TRP A 1 18 ? -4.759  1.024   6.389   1.00 9.62  ? 18  TRP A CA  1 
ATOM   27  C C   . TRP A 1 18 ? -6.252  0.721   6.487   1.00 10.30 ? 18  TRP A C   1 
ATOM   28  O O   . TRP A 1 18 ? -6.699  -0.009  7.380   1.00 13.75 ? 18  TRP A O   1 
ATOM   29  C CB  . TRP A 1 18 ? -4.143  0.024   5.387   1.00 10.85 ? 18  TRP A CB  1 
ATOM   30  C CG  . TRP A 1 18 ? -2.657  0.084   5.316   1.00 12.83 ? 18  TRP A CG  1 
ATOM   31  C CD1 . TRP A 1 18 ? -1.772  -0.487  6.206   1.00 11.71 ? 18  TRP A CD1 1 
ATOM   32  C CD2 . TRP A 1 18 ? -1.858  0.747   4.321   1.00 12.44 ? 18  TRP A CD2 1 
ATOM   33  N NE1 . TRP A 1 18 ? -0.471  -0.200  5.833   1.00 10.55 ? 18  TRP A NE1 1 
ATOM   34  C CE2 . TRP A 1 18 ? -0.495  0.530   4.672   1.00 11.76 ? 18  TRP A CE2 1 
ATOM   35  C CE3 . TRP A 1 18 ? -2.154  1.470   3.147   1.00 11.39 ? 18  TRP A CE3 1 
ATOM   36  C CZ2 . TRP A 1 18 ? 0.572   1.042   3.918   1.00 11.63 ? 18  TRP A CZ2 1 
ATOM   37  C CZ3 . TRP A 1 18 ? -1.083  1.969   2.381   1.00 10.90 ? 18  TRP A CZ3 1 
ATOM   38  C CH2 . TRP A 1 18 ? 0.263   1.752   2.781   1.00 12.58 ? 18  TRP A CH2 1 
ATOM   39  N N   . ARG A 1 19 ? -7.011  1.289   5.554   1.00 12.08 ? 19  ARG A N   1 
ATOM   40  C CA  . ARG A 1 19 ? -8.395  0.911   5.336   1.00 12.19 ? 19  ARG A CA  1 
ATOM   41  C C   . ARG A 1 19 ? -8.530  0.427   3.904   1.00 11.23 ? 19  ARG A C   1 
ATOM   42  O O   . ARG A 1 19 ? -7.699  0.750   3.043   1.00 12.42 ? 19  ARG A O   1 
ATOM   43  C CB  . ARG A 1 19 ? -9.366  2.078   5.588   1.00 12.83 ? 19  ARG A CB  1 
ATOM   44  C CG  . ARG A 1 19 ? -9.359  2.509   7.050   1.00 12.38 ? 19  ARG A CG  1 
ATOM   45  C CD  . ARG A 1 19 ? -10.525 3.457   7.359   1.00 14.33 ? 19  ARG A CD  1 
ATOM   46  N NE  . ARG A 1 19 ? -10.494 4.695   6.563   1.00 12.86 ? 19  ARG A NE  1 
ATOM   47  C CZ  . ARG A 1 19 ? -11.518 5.547   6.506   1.00 13.99 ? 19  ARG A CZ  1 
ATOM   48  N NH1 . ARG A 1 19 ? -12.645 5.289   7.168   1.00 13.75 ? 19  ARG A NH1 1 
ATOM   49  N NH2 . ARG A 1 19 ? -11.443 6.635   5.761   1.00 14.69 ? 19  ARG A NH2 1 
ATOM   50  N N   . TYR A 1 20 ? -9.569  -0.355  3.632   1.00 10.06 ? 20  TYR A N   1 
ATOM   51  C CA  . TYR A 1 20 ? -9.896  -0.673  2.249   1.00 9.96  ? 20  TYR A CA  1 
ATOM   52  C C   . TYR A 1 20 ? -11.407 -0.663  2.042   1.00 10.13 ? 20  TYR A C   1 
ATOM   53  O O   . TYR A 1 20 ? -12.192 -0.769  3.013   1.00 12.63 ? 20  TYR A O   1 
ATOM   54  C CB  . TYR A 1 20 ? -9.262  -1.988  1.779   1.00 12.52 ? 20  TYR A CB  1 
ATOM   55  C CG  . TYR A 1 20 ? -9.925  -3.264  2.271   1.00 9.15  ? 20  TYR A CG  1 
ATOM   56  C CD1 . TYR A 1 20 ? -9.448  -3.892  3.432   1.00 9.93  ? 20  TYR A CD1 1 
ATOM   57  C CD2 . TYR A 1 20 ? -10.972 -3.855  1.563   1.00 10.64 ? 20  TYR A CD2 1 
ATOM   58  C CE1 . TYR A 1 20 ? -10.039 -5.091  3.897   1.00 13.28 ? 20  TYR A CE1 1 
ATOM   59  C CE2 . TYR A 1 20 ? -11.585 -5.055  2.014   1.00 10.72 ? 20  TYR A CE2 1 
ATOM   60  C CZ  . TYR A 1 20 ? -11.096 -5.655  3.181   1.00 12.44 ? 20  TYR A CZ  1 
ATOM   61  O OH  . TYR A 1 20 ? -11.637 -6.834  3.640   1.00 12.64 ? 20  TYR A OH  1 
ATOM   62  N N   . ILE A 1 21 ? -11.789 -0.517  0.783   1.00 9.69  ? 21  ILE A N   1 
ATOM   63  C CA  . ILE A 1 21 ? -13.196 -0.536  0.392   1.00 10.81 ? 21  ILE A CA  1 
ATOM   64  C C   . ILE A 1 21 ? -13.452 -1.866  -0.292  1.00 10.26 ? 21  ILE A C   1 
ATOM   65  O O   . ILE A 1 21 ? -12.743 -2.247  -1.232  1.00 11.35 ? 21  ILE A O   1 
ATOM   66  C CB  . ILE A 1 21 ? -13.574 0.612   -0.574  1.00 10.44 ? 21  ILE A CB  1 
ATOM   67  C CG1 . ILE A 1 21 ? -13.258 1.966   0.079   1.00 13.62 ? 21  ILE A CG1 1 
ATOM   68  C CG2 . ILE A 1 21 ? -15.084 0.511   -0.968  1.00 8.91  ? 21  ILE A CG2 1 
ATOM   69  C CD1 . ILE A 1 21 ? -13.519 3.209   -0.805  1.00 11.90 ? 21  ILE A CD1 1 
ATOM   70  N N   . ASP A 1 22 ? -14.453 -2.593  0.191   1.00 10.03 ? 22  ASP A N   1 
ATOM   71  C CA  . ASP A 1 22 ? -14.730 -3.898  -0.388  1.00 11.46 ? 22  ASP A CA  1 
ATOM   72  C C   . ASP A 1 22 ? -15.534 -3.796  -1.692  1.00 13.98 ? 22  ASP A C   1 
ATOM   73  O O   . ASP A 1 22 ? -15.861 -2.699  -2.199  1.00 11.51 ? 22  ASP A O   1 
ATOM   74  C CB  . ASP A 1 22 ? -15.339 -4.848  0.681   1.00 12.27 ? 22  ASP A CB  1 
ATOM   75  C CG  . ASP A 1 22 ? -16.791 -4.532  1.038   1.00 12.15 ? 22  ASP A CG  1 
ATOM   76  O OD1 . ASP A 1 22 ? -17.506 -3.842  0.279   1.00 11.80 ? 22  ASP A OD1 1 
ATOM   77  O OD2 . ASP A 1 22 ? -17.253 -5.047  2.094   1.00 12.22 ? 22  ASP A OD2 1 
ATOM   78  N N   . THR A 1 23 ? -15.879 -4.958  -2.243  1.00 15.76 ? 23  THR A N   1 
ATOM   79  C CA  . THR A 1 23 ? -16.598 -5.039  -3.509  1.00 17.51 ? 23  THR A CA  1 
ATOM   80  C C   . THR A 1 23 ? -17.966 -4.341  -3.505  1.00 17.19 ? 23  THR A C   1 
ATOM   81  O O   . THR A 1 23 ? -18.442 -3.840  -4.533  1.00 17.60 ? 23  THR A O   1 
ATOM   82  C CB  . THR A 1 23 ? -16.781 -6.550  -3.879  1.00 18.65 ? 23  THR A CB  1 
ATOM   83  O OG1 . THR A 1 23 ? -15.491 -7.175  -3.843  1.00 25.75 ? 23  THR A OG1 1 
ATOM   84  C CG2 . THR A 1 23 ? -17.429 -6.715  -5.229  1.00 20.16 ? 23  THR A CG2 1 
ATOM   85  N N   . GLN A 1 24 ? -18.600 -4.290  -2.338  1.00 14.34 ? 24  GLN A N   1 
ATOM   86  C CA  . GLN A 1 24 ? -19.921 -3.697  -2.238  1.00 13.89 ? 24  GLN A CA  1 
ATOM   87  C C   . GLN A 1 24 ? -19.870 -2.225  -1.814  1.00 12.36 ? 24  GLN A C   1 
ATOM   88  O O   . GLN A 1 24 ? -20.901 -1.571  -1.769  1.00 13.98 ? 24  GLN A O   1 
ATOM   89  C CB  . GLN A 1 24 ? -20.810 -4.483  -1.270  1.00 15.91 ? 24  GLN A CB  1 
ATOM   90  C CG  . GLN A 1 24 ? -21.166 -5.917  -1.725  1.00 18.72 ? 24  GLN A CG  1 
ATOM   91  C CD  . GLN A 1 24 ? -20.033 -6.913  -1.575  1.00 23.73 ? 24  GLN A CD  1 
ATOM   92  O OE1 . GLN A 1 24 ? -19.287 -6.905  -0.589  1.00 25.01 ? 24  GLN A OE1 1 
ATOM   93  N NE2 . GLN A 1 24 ? -19.898 -7.796  -2.563  1.00 27.13 ? 24  GLN A NE2 1 
ATOM   94  N N   . GLY A 1 25 ? -18.690 -1.719  -1.486  1.00 10.84 ? 25  GLY A N   1 
ATOM   95  C CA  . GLY A 1 25 ? -18.575 -0.298  -1.111  1.00 10.53 ? 25  GLY A CA  1 
ATOM   96  C C   . GLY A 1 25 ? -18.378 -0.026  0.365   1.00 9.97  ? 25  GLY A C   1 
ATOM   97  O O   . GLY A 1 25 ? -18.267 1.145   0.775   1.00 8.44  ? 25  GLY A O   1 
ATOM   98  N N   . GLN A 1 26 ? -18.317 -1.092  1.164   1.00 8.71  ? 26  GLN A N   1 
ATOM   99  C CA  . GLN A 1 26 ? -18.130 -0.935  2.610   1.00 11.05 ? 26  GLN A CA  1 
ATOM   100 C C   . GLN A 1 26 ? -16.659 -0.730  2.966   1.00 9.77  ? 26  GLN A C   1 
ATOM   101 O O   . GLN A 1 26 ? -15.797 -1.444  2.447   1.00 10.30 ? 26  GLN A O   1 
ATOM   102 C CB  . GLN A 1 26 ? -18.689 -2.167  3.341   1.00 11.54 ? 26  GLN A CB  1 
ATOM   103 C CG  . GLN A 1 26 ? -18.459 -2.110  4.851   1.00 17.11 ? 26  GLN A CG  1 
ATOM   104 C CD  . GLN A 1 26 ? -19.045 -3.297  5.593   1.00 20.82 ? 26  GLN A CD  1 
ATOM   105 O OE1 . GLN A 1 26 ? -19.207 -4.397  5.037   1.00 22.48 ? 26  GLN A OE1 1 
ATOM   106 N NE2 . GLN A 1 26 ? -19.387 -3.071  6.860   1.00 22.25 ? 26  GLN A NE2 1 
ATOM   107 N N   . ILE A 1 27 ? -16.399 0.225   3.867   1.00 10.02 ? 27  ILE A N   1 
ATOM   108 C CA  . ILE A 1 27 ? -15.029 0.520   4.322   1.00 9.60  ? 27  ILE A CA  1 
ATOM   109 C C   . ILE A 1 27 ? -14.679 -0.396  5.509   1.00 11.56 ? 27  ILE A C   1 
ATOM   110 O O   . ILE A 1 27 ? -15.488 -0.568  6.430   1.00 10.45 ? 27  ILE A O   1 
ATOM   111 C CB  . ILE A 1 27 ? -14.871 2.014   4.724   1.00 11.16 ? 27  ILE A CB  1 
ATOM   112 C CG1 . ILE A 1 27 ? -15.076 2.961   3.535   1.00 15.71 ? 27  ILE A CG1 1 
ATOM   113 C CG2 . ILE A 1 27 ? -13.469 2.279   5.322   1.00 12.99 ? 27  ILE A CG2 1 
ATOM   114 C CD1 . ILE A 1 27 ? -15.254 4.430   3.999   1.00 13.89 ? 27  ILE A CD1 1 
ATOM   115 N N   . HIS A 1 28 ? -13.491 -1.005  5.465   1.00 11.59 ? 28  HIS A N   1 
ATOM   116 C CA  . HIS A 1 28 ? -12.987 -1.871  6.530   1.00 11.79 ? 28  HIS A CA  1 
ATOM   117 C C   . HIS A 1 28 ? -11.650 -1.380  7.037   1.00 12.51 ? 28  HIS A C   1 
ATOM   118 O O   . HIS A 1 28 ? -10.879 -0.784  6.274   1.00 12.82 ? 28  HIS A O   1 
ATOM   119 C CB  . HIS A 1 28 ? -12.816 -3.301  6.022   1.00 13.27 ? 28  HIS A CB  1 
ATOM   120 C CG  . HIS A 1 28 ? -14.075 -3.879  5.473   1.00 15.34 ? 28  HIS A CG  1 
ATOM   121 N ND1 . HIS A 1 28 ? -15.048 -4.425  6.283   1.00 18.25 ? 28  HIS A ND1 1 
ATOM   122 C CD2 . HIS A 1 28 ? -14.544 -3.960  4.204   1.00 13.87 ? 28  HIS A CD2 1 
ATOM   123 C CE1 . HIS A 1 28 ? -16.058 -4.833  5.534   1.00 19.48 ? 28  HIS A CE1 1 
ATOM   124 N NE2 . HIS A 1 28 ? -15.779 -4.561  4.269   1.00 19.52 ? 28  HIS A NE2 1 
ATOM   125 N N   . GLY A 1 29 ? -11.410 -1.629  8.322   1.00 12.46 ? 29  GLY A N   1 
ATOM   126 C CA  . GLY A 1 29 ? -10.159 -1.226  8.969   1.00 13.32 ? 29  GLY A CA  1 
ATOM   127 C C   . GLY A 1 29 ? -10.408 -0.370  10.189  1.00 16.57 ? 29  GLY A C   1 
ATOM   128 O O   . GLY A 1 29 ? -11.570 -0.218  10.610  1.00 18.14 ? 29  GLY A O   1 
ATOM   129 N N   . PRO A 1 30 ? -9.340  0.196   10.775  1.00 18.42 ? 30  PRO A N   1 
ATOM   130 C CA  . PRO A 1 30 ? -7.925  0.099   10.365  1.00 15.17 ? 30  PRO A CA  1 
ATOM   131 C C   . PRO A 1 30 ? -7.324  -1.290  10.569  1.00 14.10 ? 30  PRO A C   1 
ATOM   132 O O   . PRO A 1 30 ? -7.692  -2.019  11.506  1.00 15.25 ? 30  PRO A O   1 
ATOM   133 C CB  . PRO A 1 30 ? -7.214  1.091   11.294  1.00 18.07 ? 30  PRO A CB  1 
ATOM   134 C CG  . PRO A 1 30 ? -8.102  1.123   12.524  1.00 21.99 ? 30  PRO A CG  1 
ATOM   135 C CD  . PRO A 1 30 ? -9.493  1.092   11.937  1.00 19.11 ? 30  PRO A CD  1 
ATOM   136 N N   . PHE A 1 31 ? -6.391  -1.618  9.681   1.00 12.71 ? 31  PHE A N   1 
ATOM   137 C CA  . PHE A 1 31 ? -5.610  -2.860  9.718   1.00 12.49 ? 31  PHE A CA  1 
ATOM   138 C C   . PHE A 1 31 ? -4.137  -2.500  9.621   1.00 12.80 ? 31  PHE A C   1 
ATOM   139 O O   . PHE A 1 31 ? -3.745  -1.609  8.840   1.00 11.65 ? 31  PHE A O   1 
ATOM   140 C CB  . PHE A 1 31 ? -5.971  -3.779  8.544   1.00 12.20 ? 31  PHE A CB  1 
ATOM   141 C CG  . PHE A 1 31 ? -7.418  -4.166  8.493   1.00 14.01 ? 31  PHE A CG  1 
ATOM   142 C CD1 . PHE A 1 31 ? -8.012  -4.878  9.541   1.00 13.57 ? 31  PHE A CD1 1 
ATOM   143 C CD2 . PHE A 1 31 ? -8.190  -3.846  7.384   1.00 14.10 ? 31  PHE A CD2 1 
ATOM   144 C CE1 . PHE A 1 31 ? -9.369  -5.230  9.504   1.00 15.91 ? 31  PHE A CE1 1 
ATOM   145 C CE2 . PHE A 1 31 ? -9.547  -4.222  7.324   1.00 16.96 ? 31  PHE A CE2 1 
ATOM   146 C CZ  . PHE A 1 31 ? -10.131 -4.921  8.384   1.00 16.73 ? 31  PHE A CZ  1 
ATOM   147 N N   . THR A 1 32 ? -3.308  -3.213  10.382  1.00 12.19 ? 32  THR A N   1 
ATOM   148 C CA  . THR A 1 32 ? -1.868  -2.950  10.329  1.00 11.46 ? 32  THR A CA  1 
ATOM   149 C C   . THR A 1 32 ? -1.268  -3.331  8.970   1.00 11.39 ? 32  THR A C   1 
ATOM   150 O O   . THR A 1 32 ? -1.814  -4.177  8.229   1.00 9.46  ? 32  THR A O   1 
ATOM   151 C CB  . THR A 1 32 ? -1.104  -3.761  11.410  1.00 14.14 ? 32  THR A CB  1 
ATOM   152 O OG1 . THR A 1 32 ? -1.306  -5.160  11.185  1.00 12.53 ? 32  THR A OG1 1 
ATOM   153 C CG2 . THR A 1 32 ? -1.588  -3.397  12.811  1.00 15.27 ? 32  THR A CG2 1 
ATOM   154 N N   . THR A 1 33 ? -0.112  -2.742  8.669   1.00 10.07 ? 33  THR A N   1 
ATOM   155 C CA  . THR A 1 33 ? 0.693   -3.185  7.523   1.00 8.99  ? 33  THR A CA  1 
ATOM   156 C C   . THR A 1 33 ? 0.866   -4.712  7.544   1.00 12.35 ? 33  THR A C   1 
ATOM   157 O O   . THR A 1 33 ? 0.749   -5.340  6.500   1.00 9.88  ? 33  THR A O   1 
ATOM   158 C CB  . THR A 1 33 ? 2.068   -2.506  7.484   1.00 10.38 ? 33  THR A CB  1 
ATOM   159 O OG1 . THR A 1 33 ? 1.880   -1.112  7.196   1.00 11.47 ? 33  THR A OG1 1 
ATOM   160 C CG2 . THR A 1 33 ? 2.992   -3.157  6.431   1.00 8.41  ? 33  THR A CG2 1 
ATOM   161 N N   . GLN A 1 34 ? 1.148   -5.287  8.712   1.00 11.02 ? 34  GLN A N   1 
ATOM   162 C CA  . GLN A 1 34 ? 1.362   -6.736  8.751   1.00 14.08 ? 34  GLN A CA  1 
ATOM   163 C C   . GLN A 1 34 ? 0.119   -7.491  8.237   1.00 12.08 ? 34  GLN A C   1 
ATOM   164 O O   . GLN A 1 34 ? 0.264   -8.430  7.450   1.00 10.63 ? 34  GLN A O   1 
ATOM   165 C CB  . GLN A 1 34 ? 1.765   -7.207  10.148  1.00 15.04 ? 34  GLN A CB  1 
ATOM   166 C CG  . GLN A 1 34 ? 1.967   -8.723  10.206  1.00 19.43 ? 34  GLN A CG  1 
ATOM   167 C CD  . GLN A 1 34 ? 2.500   -9.246  11.530  0.50 22.94 ? 34  GLN A CD  1 
ATOM   168 O OE1 . GLN A 1 34 ? 2.479   -8.567  12.560  0.50 25.58 ? 34  GLN A OE1 1 
ATOM   169 N NE2 . GLN A 1 34 ? 2.980   -10.483 11.503  0.50 25.31 ? 34  GLN A NE2 1 
ATOM   170 N N   . MET A 1 35 ? -1.070  -7.071  8.678   1.00 11.58 ? 35  MET A N   1 
ATOM   171 C CA  . MET A 1 35 ? -2.326  -7.742  8.304   1.00 11.36 ? 35  MET A CA  1 
ATOM   172 C C   . MET A 1 35 ? -2.556  -7.606  6.793   1.00 11.44 ? 35  MET A C   1 
ATOM   173 O O   . MET A 1 35 ? -2.905  -8.588  6.124   1.00 10.95 ? 35  MET A O   1 
ATOM   174 C CB  . MET A 1 35 ? -3.548  -7.180  9.079   1.00 12.07 ? 35  MET A CB  1 
ATOM   175 C CG  . MET A 1 35 ? -3.534  -7.375  10.590  0.60 13.29 ? 35  MET A CG  1 
ATOM   176 S SD  . MET A 1 35 ? -4.692  -6.275  11.468  0.60 16.64 ? 35  MET A SD  1 
ATOM   177 C CE  . MET A 1 35 ? -4.284  -6.746  13.153  0.60 17.89 ? 35  MET A CE  1 
ATOM   178 N N   . MET A 1 36 ? -2.368  -6.393  6.264   1.00 9.63  ? 36  MET A N   1 
ATOM   179 C CA  . MET A 1 36 ? -2.567  -6.104  4.837   1.00 10.16 ? 36  MET A CA  1 
ATOM   180 C C   . MET A 1 36 ? -1.581  -6.858  3.941   1.00 10.87 ? 36  MET A C   1 
ATOM   181 O O   . MET A 1 36 ? -1.957  -7.354  2.877   1.00 11.41 ? 36  MET A O   1 
ATOM   182 C CB  . MET A 1 36 ? -2.490  -4.585  4.580   1.00 10.26 ? 36  MET A CB  1 
ATOM   183 C CG  . MET A 1 36 ? -3.581  -3.771  5.309   1.00 9.64  ? 36  MET A CG  1 
ATOM   184 S SD  . MET A 1 36 ? -5.278  -4.072  4.703   1.00 12.34 ? 36  MET A SD  1 
ATOM   185 C CE  . MET A 1 36 ? -5.307  -3.123  3.183   1.00 13.74 ? 36  MET A CE  1 
ATOM   186 N N   . SER A 1 37 ? -0.325  -6.920  4.390   1.00 8.11  ? 37  SER A N   1 
ATOM   187 C CA  . SER A 1 37 ? 0.757   -7.620  3.697   1.00 8.45  ? 37  SER A CA  1 
ATOM   188 C C   . SER A 1 37 ? 0.406   -9.098  3.621   1.00 9.77  ? 37  SER A C   1 
ATOM   189 O O   . SER A 1 37 ? 0.486   -9.691  2.542   1.00 9.15  ? 37  SER A O   1 
ATOM   190 C CB  . SER A 1 37 ? 2.052   -7.428  4.468   1.00 10.63 ? 37  SER A CB  1 
ATOM   191 O OG  . SER A 1 37 ? 3.060   -8.303  3.980   1.00 10.17 ? 37  SER A OG  1 
ATOM   192 N N   A GLN A 1 38 ? 0.020   -9.676  4.760   0.50 10.02 ? 38  GLN A N   1 
ATOM   193 N N   B GLN A 1 38 ? 0.017   -9.689  4.748   0.50 9.50  ? 38  GLN A N   1 
ATOM   194 C CA  A GLN A 1 38 ? -0.397  -11.083 4.816   0.50 11.67 ? 38  GLN A CA  1 
ATOM   195 C CA  B GLN A 1 38 ? -0.359  -11.108 4.754   0.50 10.35 ? 38  GLN A CA  1 
ATOM   196 C C   A GLN A 1 38 ? -1.514  -11.390 3.822   0.50 11.26 ? 38  GLN A C   1 
ATOM   197 C C   B GLN A 1 38 ? -1.532  -11.413 3.821   0.50 10.62 ? 38  GLN A C   1 
ATOM   198 O O   A GLN A 1 38 ? -1.433  -12.367 3.071   0.50 10.83 ? 38  GLN A O   1 
ATOM   199 O O   B GLN A 1 38 ? -1.505  -12.419 3.107   0.50 10.07 ? 38  GLN A O   1 
ATOM   200 C CB  A GLN A 1 38 ? -0.809  -11.492 6.240   0.50 13.57 ? 38  GLN A CB  1 
ATOM   201 C CB  B GLN A 1 38 ? -0.618  -11.617 6.179   0.50 12.19 ? 38  GLN A CB  1 
ATOM   202 C CG  A GLN A 1 38 ? 0.395   -11.765 7.143   0.50 17.68 ? 38  GLN A CG  1 
ATOM   203 C CG  B GLN A 1 38 ? 0.682   -11.726 6.979   0.50 11.06 ? 38  GLN A CG  1 
ATOM   204 C CD  A GLN A 1 38 ? 0.032   -11.796 8.616   0.50 21.06 ? 38  GLN A CD  1 
ATOM   205 C CD  B GLN A 1 38 ? 1.535   -12.908 6.561   0.50 16.07 ? 38  GLN A CD  1 
ATOM   206 O OE1 A GLN A 1 38 ? -1.132  -11.640 8.986   0.50 23.14 ? 38  GLN A OE1 1 
ATOM   207 O OE1 B GLN A 1 38 ? 1.139   -14.062 6.723   0.50 15.62 ? 38  GLN A OE1 1 
ATOM   208 N NE2 A GLN A 1 38 ? 1.032   -11.988 9.466   0.50 23.59 ? 38  GLN A NE2 1 
ATOM   209 N NE2 B GLN A 1 38 ? 2.723   -12.629 6.036   0.50 12.12 ? 38  GLN A NE2 1 
ATOM   210 N N   . TRP A 1 39 ? -2.553  -10.555 3.816   1.00 10.06 ? 39  TRP A N   1 
ATOM   211 C CA  . TRP A 1 39 ? -3.677  -10.742 2.895   1.00 10.37 ? 39  TRP A CA  1 
ATOM   212 C C   . TRP A 1 39 ? -3.266  -10.580 1.426   1.00 9.78  ? 39  TRP A C   1 
ATOM   213 O O   . TRP A 1 39 ? -3.713  -11.333 0.550   1.00 10.88 ? 39  TRP A O   1 
ATOM   214 C CB  . TRP A 1 39 ? -4.838  -9.792  3.244   1.00 7.89  ? 39  TRP A CB  1 
ATOM   215 C CG  . TRP A 1 39 ? -5.552  -10.168 4.513   1.00 11.77 ? 39  TRP A CG  1 
ATOM   216 C CD1 . TRP A 1 39 ? -5.752  -11.431 5.002   1.00 11.95 ? 39  TRP A CD1 1 
ATOM   217 C CD2 . TRP A 1 39 ? -6.216  -9.270  5.424   1.00 11.41 ? 39  TRP A CD2 1 
ATOM   218 N NE1 . TRP A 1 39 ? -6.482  -11.373 6.177   1.00 12.70 ? 39  TRP A NE1 1 
ATOM   219 C CE2 . TRP A 1 39 ? -6.775  -10.060 6.458   1.00 12.41 ? 39  TRP A CE2 1 
ATOM   220 C CE3 . TRP A 1 39 ? -6.365  -7.871  5.478   1.00 11.19 ? 39  TRP A CE3 1 
ATOM   221 C CZ2 . TRP A 1 39 ? -7.481  -9.508  7.538   1.00 15.36 ? 39  TRP A CZ2 1 
ATOM   222 C CZ3 . TRP A 1 39 ? -7.081  -7.315  6.549   1.00 17.75 ? 39  TRP A CZ3 1 
ATOM   223 C CH2 . TRP A 1 39 ? -7.623  -8.134  7.566   1.00 17.60 ? 39  TRP A CH2 1 
ATOM   224 N N   . TYR A 1 40 ? -2.399  -9.609  1.157   1.00 8.11  ? 40  TYR A N   1 
ATOM   225 C CA  . TYR A 1 40 ? -1.911  -9.417  -0.210  1.00 8.57  ? 40  TYR A CA  1 
ATOM   226 C C   . TYR A 1 40 ? -1.153  -10.661 -0.692  1.00 8.44  ? 40  TYR A C   1 
ATOM   227 O O   . TYR A 1 40 ? -1.402  -11.176 -1.799  1.00 9.83  ? 40  TYR A O   1 
ATOM   228 C CB  . TYR A 1 40 ? -1.012  -8.167  -0.313  1.00 10.37 ? 40  TYR A CB  1 
ATOM   229 C CG  . TYR A 1 40 ? -0.547  -7.927  -1.734  1.00 12.60 ? 40  TYR A CG  1 
ATOM   230 C CD1 . TYR A 1 40 ? -1.322  -7.186  -2.625  1.00 15.86 ? 40  TYR A CD1 1 
ATOM   231 C CD2 . TYR A 1 40 ? 0.668   -8.453  -2.189  1.00 12.69 ? 40  TYR A CD2 1 
ATOM   232 C CE1 . TYR A 1 40 ? -0.882  -6.978  -3.954  1.00 19.51 ? 40  TYR A CE1 1 
ATOM   233 C CE2 . TYR A 1 40 ? 1.105   -8.253  -3.498  1.00 16.94 ? 40  TYR A CE2 1 
ATOM   234 C CZ  . TYR A 1 40 ? 0.326   -7.509  -4.366  1.00 18.95 ? 40  TYR A CZ  1 
ATOM   235 O OH  . TYR A 1 40 ? 0.779   -7.312  -5.652  1.00 22.90 ? 40  TYR A OH  1 
ATOM   236 N N   . ILE A 1 41 ? -0.222  -11.129 0.139   1.00 8.55  ? 41  ILE A N   1 
ATOM   237 C CA  . ILE A 1 41 ? 0.616   -12.279 -0.220  1.00 10.28 ? 41  ILE A CA  1 
ATOM   238 C C   . ILE A 1 41 ? -0.256  -13.528 -0.389  1.00 11.81 ? 41  ILE A C   1 
ATOM   239 O O   . ILE A 1 41 ? 0.013   -14.386 -1.252  1.00 13.72 ? 41  ILE A O   1 
ATOM   240 C CB  . ILE A 1 41 ? 1.732   -12.468 0.832   1.00 10.38 ? 41  ILE A CB  1 
ATOM   241 C CG1 . ILE A 1 41 ? 2.762   -11.338 0.732   1.00 10.65 ? 41  ILE A CG1 1 
ATOM   242 C CG2 . ILE A 1 41 ? 2.452   -13.820 0.663   1.00 11.67 ? 41  ILE A CG2 1 
ATOM   243 C CD1 . ILE A 1 41 ? 3.568   -11.148 1.999   1.00 10.98 ? 41  ILE A CD1 1 
ATOM   244 N N   . GLY A 1 42 ? -1.299  -13.617 0.430   1.00 10.16 ? 42  GLY A N   1 
ATOM   245 C CA  . GLY A 1 42 ? -2.323  -14.666 0.360   1.00 12.67 ? 42  GLY A CA  1 
ATOM   246 C C   . GLY A 1 42 ? -3.256  -14.669 -0.845  1.00 13.11 ? 42  GLY A C   1 
ATOM   247 O O   . GLY A 1 42 ? -4.020  -15.639 -1.043  1.00 13.21 ? 42  GLY A O   1 
ATOM   248 N N   . GLY A 1 43 ? -3.209  -13.602 -1.647  1.00 11.55 ? 43  GLY A N   1 
ATOM   249 C CA  . GLY A 1 43 ? -3.978  -13.515 -2.886  1.00 11.89 ? 43  GLY A CA  1 
ATOM   250 C C   . GLY A 1 43 ? -5.382  -12.983 -2.674  1.00 13.36 ? 43  GLY A C   1 
ATOM   251 O O   . GLY A 1 43 ? -6.275  -13.147 -3.518  1.00 13.36 ? 43  GLY A O   1 
ATOM   252 N N   . TYR A 1 44 ? -5.605  -12.351 -1.532  1.00 11.37 ? 44  TYR A N   1 
ATOM   253 C CA  . TYR A 1 44 ? -6.948  -11.884 -1.240  1.00 12.56 ? 44  TYR A CA  1 
ATOM   254 C C   . TYR A 1 44 ? -7.323  -10.541 -1.856  1.00 14.24 ? 44  TYR A C   1 
ATOM   255 O O   . TYR A 1 44 ? -8.500  -10.172 -1.800  1.00 15.85 ? 44  TYR A O   1 
ATOM   256 C CB  . TYR A 1 44 ? -7.167  -11.810 0.270   1.00 14.38 ? 44  TYR A CB  1 
ATOM   257 C CG  . TYR A 1 44 ? -7.181  -13.143 0.948   1.00 14.36 ? 44  TYR A CG  1 
ATOM   258 C CD1 . TYR A 1 44 ? -8.316  -13.950 0.904   1.00 17.13 ? 44  TYR A CD1 1 
ATOM   259 C CD2 . TYR A 1 44 ? -6.053  -13.608 1.635   1.00 16.03 ? 44  TYR A CD2 1 
ATOM   260 C CE1 . TYR A 1 44 ? -8.333  -15.195 1.525   1.00 18.17 ? 44  TYR A CE1 1 
ATOM   261 C CE2 . TYR A 1 44 ? -6.066  -14.854 2.266   1.00 15.42 ? 44  TYR A CE2 1 
ATOM   262 C CZ  . TYR A 1 44 ? -7.210  -15.630 2.199   1.00 18.41 ? 44  TYR A CZ  1 
ATOM   263 O OH  . TYR A 1 44 ? -7.234  -16.853 2.818   1.00 19.42 ? 44  TYR A OH  1 
ATOM   264 N N   . PHE A 1 45 ? -6.358  -9.804  -2.402  1.00 13.71 ? 45  PHE A N   1 
ATOM   265 C CA  . PHE A 1 45 ? -6.595  -8.440  -2.920  1.00 14.62 ? 45  PHE A CA  1 
ATOM   266 C C   . PHE A 1 45 ? -6.331  -8.271  -4.423  1.00 17.08 ? 45  PHE A C   1 
ATOM   267 O O   . PHE A 1 45 ? -5.218  -8.535  -4.902  1.00 22.37 ? 45  PHE A O   1 
ATOM   268 C CB  . PHE A 1 45 ? -5.681  -7.438  -2.197  1.00 13.33 ? 45  PHE A CB  1 
ATOM   269 C CG  . PHE A 1 45 ? -5.997  -7.168  -0.743  1.00 16.23 ? 45  PHE A CG  1 
ATOM   270 C CD1 . PHE A 1 45 ? -7.317  -7.101  -0.258  1.00 15.44 ? 45  PHE A CD1 1 
ATOM   271 C CD2 . PHE A 1 45 ? -4.946  -6.898  0.151   1.00 15.22 ? 45  PHE A CD2 1 
ATOM   272 C CE1 . PHE A 1 45 ? -7.588  -6.797  1.095   1.00 16.30 ? 45  PHE A CE1 1 
ATOM   273 C CE2 . PHE A 1 45 ? -5.215  -6.589  1.503   1.00 14.50 ? 45  PHE A CE2 1 
ATOM   274 C CZ  . PHE A 1 45 ? -6.526  -6.555  1.977   1.00 16.35 ? 45  PHE A CZ  1 
ATOM   275 N N   . ALA A 1 46 ? -7.329  -7.822  -5.177  1.00 16.94 ? 46  ALA A N   1 
ATOM   276 C CA  . ALA A 1 46 ? -7.136  -7.526  -6.598  1.00 17.74 ? 46  ALA A CA  1 
ATOM   277 C C   . ALA A 1 46 ? -6.443  -6.164  -6.766  1.00 17.30 ? 46  ALA A C   1 
ATOM   278 O O   . ALA A 1 46 ? -6.502  -5.332  -5.859  1.00 16.31 ? 46  ALA A O   1 
ATOM   279 C CB  . ALA A 1 46 ? -8.461  -7.525  -7.302  1.00 16.04 ? 46  ALA A CB  1 
ATOM   280 N N   . SER A 1 47 ? -5.807  -5.923  -7.917  1.00 15.77 ? 47  SER A N   1 
ATOM   281 C CA  . SER A 1 47 ? -5.108  -4.641  -8.162  1.00 15.09 ? 47  SER A CA  1 
ATOM   282 C C   . SER A 1 47 ? -6.081  -3.457  -8.210  1.00 15.18 ? 47  SER A C   1 
ATOM   283 O O   . SER A 1 47 ? -5.663  -2.290  -8.074  1.00 14.08 ? 47  SER A O   1 
ATOM   284 C CB  . SER A 1 47 ? -4.304  -4.685  -9.470  1.00 17.58 ? 47  SER A CB  1 
ATOM   285 O OG  . SER A 1 47 ? -5.191  -4.871  -10.559 1.00 21.43 ? 47  SER A OG  1 
ATOM   286 N N   . THR A 1 48 ? -7.370  -3.762  -8.393  1.00 12.02 ? 48  THR A N   1 
ATOM   287 C CA  . THR A 1 48 ? -8.429  -2.750  -8.486  1.00 12.26 ? 48  THR A CA  1 
ATOM   288 C C   . THR A 1 48 ? -8.979  -2.332  -7.121  1.00 13.12 ? 48  THR A C   1 
ATOM   289 O O   . THR A 1 48 ? -9.769  -1.387  -7.029  1.00 13.24 ? 48  THR A O   1 
ATOM   290 C CB  . THR A 1 48 ? -9.609  -3.253  -9.341  1.00 14.42 ? 48  THR A CB  1 
ATOM   291 O OG1 . THR A 1 48 ? -9.981  -4.556  -8.880  1.00 15.23 ? 48  THR A OG1 1 
ATOM   292 C CG2 . THR A 1 48 ? -9.229  -3.303  -10.810 1.00 14.20 ? 48  THR A CG2 1 
ATOM   293 N N   . LEU A 1 49 ? -8.561  -3.022  -6.058  1.00 14.14 ? 49  LEU A N   1 
ATOM   294 C CA  . LEU A 1 49 ? -9.072  -2.730  -4.714  1.00 13.68 ? 49  LEU A CA  1 
ATOM   295 C C   . LEU A 1 49 ? -8.641  -1.339  -4.248  1.00 11.21 ? 49  LEU A C   1 
ATOM   296 O O   . LEU A 1 49 ? -7.466  -0.967  -4.363  1.00 12.35 ? 49  LEU A O   1 
ATOM   297 C CB  . LEU A 1 49 ? -8.540  -3.762  -3.708  1.00 16.21 ? 49  LEU A CB  1 
ATOM   298 C CG  . LEU A 1 49 ? -8.988  -3.650  -2.247  1.00 18.00 ? 49  LEU A CG  1 
ATOM   299 C CD1 . LEU A 1 49 ? -10.232 -4.487  -2.065  1.00 20.27 ? 49  LEU A CD1 1 
ATOM   300 C CD2 . LEU A 1 49 ? -7.841  -4.169  -1.406  1.00 20.14 ? 49  LEU A CD2 1 
ATOM   301 N N   . GLN A 1 50 ? -9.579  -0.559  -3.713  1.00 10.76 ? 50  GLN A N   1 
ATOM   302 C CA  . GLN A 1 50 ? -9.218  0.765   -3.180  1.00 9.60  ? 50  GLN A CA  1 
ATOM   303 C C   . GLN A 1 50 ? -8.731  0.666   -1.741  1.00 10.47 ? 50  GLN A C   1 
ATOM   304 O O   . GLN A 1 50 ? -9.403  0.067   -0.903  1.00 11.28 ? 50  GLN A O   1 
ATOM   305 C CB  . GLN A 1 50 ? -10.401 1.714   -3.248  1.00 12.10 ? 50  GLN A CB  1 
ATOM   306 C CG  . GLN A 1 50 ? -10.813 2.038   -4.676  1.00 13.24 ? 50  GLN A CG  1 
ATOM   307 C CD  . GLN A 1 50 ? -12.019 2.940   -4.650  1.00 14.45 ? 50  GLN A CD  1 
ATOM   308 O OE1 . GLN A 1 50 ? -13.122 2.510   -4.331  1.00 17.13 ? 50  GLN A OE1 1 
ATOM   309 N NE2 . GLN A 1 50 ? -11.814 4.197   -4.983  1.00 16.43 ? 50  GLN A NE2 1 
ATOM   310 N N   . ILE A 1 51 ? -7.557  1.246   -1.478  1.00 9.83  ? 51  ILE A N   1 
ATOM   311 C CA  A ILE A 1 51 ? -6.955  1.243   -0.149  0.50 9.83  ? 51  ILE A CA  1 
ATOM   312 C CA  B ILE A 1 51 ? -6.961  1.241   -0.138  0.50 10.01 ? 51  ILE A CA  1 
ATOM   313 C C   . ILE A 1 51 ? -6.628  2.667   0.282   1.00 11.12 ? 51  ILE A C   1 
ATOM   314 O O   . ILE A 1 51 ? -6.539  3.564   -0.569  1.00 12.27 ? 51  ILE A O   1 
ATOM   315 C CB  A ILE A 1 51 ? -5.664  0.397   -0.122  0.50 10.46 ? 51  ILE A CB  1 
ATOM   316 C CB  B ILE A 1 51 ? -5.686  0.340   -0.005  0.50 10.40 ? 51  ILE A CB  1 
ATOM   317 C CG1 A ILE A 1 51 ? -4.750  0.785   -1.296  0.50 11.10 ? 51  ILE A CG1 1 
ATOM   318 C CG1 B ILE A 1 51 ? -4.419  1.023   -0.554  0.50 12.79 ? 51  ILE A CG1 1 
ATOM   319 C CG2 A ILE A 1 51 ? -6.013  -1.096  -0.128  0.50 10.04 ? 51  ILE A CG2 1 
ATOM   320 C CG2 B ILE A 1 51 ? -5.904  -1.039  -0.644  0.50 10.61 ? 51  ILE A CG2 1 
ATOM   321 C CD1 A ILE A 1 51 ? -3.403  0.129   -1.271  0.50 15.81 ? 51  ILE A CD1 1 
ATOM   322 C CD1 B ILE A 1 51 ? -4.351  1.076   -2.046  0.50 11.90 ? 51  ILE A CD1 1 
ATOM   323 N N   . SER A 1 52 ? -6.454  2.854   1.591   1.00 10.70 ? 52  SER A N   1 
ATOM   324 C CA  . SER A 1 52 ? -6.095  4.161   2.142   1.00 9.97  ? 52  SER A CA  1 
ATOM   325 C C   . SER A 1 52 ? -5.118  3.961   3.288   1.00 11.40 ? 52  SER A C   1 
ATOM   326 O O   . SER A 1 52 ? -5.335  3.095   4.133   1.00 13.32 ? 52  SER A O   1 
ATOM   327 C CB  . SER A 1 52 ? -7.336  4.924   2.596   1.00 10.11 ? 52  SER A CB  1 
ATOM   328 O OG  . SER A 1 52 ? -6.956  6.182   3.152   1.00 11.38 ? 52  SER A OG  1 
ATOM   329 N N   . ARG A 1 53 ? -4.029  4.733   3.314   1.00 10.44 ? 53  ARG A N   1 
ATOM   330 C CA  . ARG A 1 53 ? -3.126  4.676   4.448   1.00 12.31 ? 53  ARG A CA  1 
ATOM   331 C C   . ARG A 1 53 ? -3.597  5.709   5.474   1.00 13.52 ? 53  ARG A C   1 
ATOM   332 O O   . ARG A 1 53 ? -3.803  6.879   5.142   1.00 12.81 ? 53  ARG A O   1 
ATOM   333 C CB  . ARG A 1 53 ? -1.712  5.046   4.006   1.00 14.06 ? 53  ARG A CB  1 
ATOM   334 C CG  . ARG A 1 53 ? -0.725  4.813   5.132   1.00 14.99 ? 53  ARG A CG  1 
ATOM   335 C CD  . ARG A 1 53 ? 0.243   5.964   5.286   1.00 13.45 ? 53  ARG A CD  1 
ATOM   336 N NE  . ARG A 1 53 ? 1.199   5.666   6.347   1.00 12.45 ? 53  ARG A NE  1 
ATOM   337 C CZ  . ARG A 1 53 ? 1.896   6.573   7.031   1.00 13.86 ? 53  ARG A CZ  1 
ATOM   338 N NH1 . ARG A 1 53 ? 1.745   7.876   6.784   1.00 11.99 ? 53  ARG A NH1 1 
ATOM   339 N NH2 . ARG A 1 53 ? 2.740   6.156   7.965   1.00 10.49 ? 53  ARG A NH2 1 
ATOM   340 N N   . LEU A 1 54 ? -3.751  5.306   6.731   1.00 11.62 ? 54  LEU A N   1 
ATOM   341 C CA  . LEU A 1 54 ? -4.086  6.296   7.751   1.00 12.11 ? 54  LEU A CA  1 
ATOM   342 C C   . LEU A 1 54 ? -2.916  7.259   7.920   1.00 12.76 ? 54  LEU A C   1 
ATOM   343 O O   . LEU A 1 54 ? -1.765  6.831   7.966   1.00 12.63 ? 54  LEU A O   1 
ATOM   344 C CB  . LEU A 1 54 ? -4.440  5.626   9.079   1.00 13.63 ? 54  LEU A CB  1 
ATOM   345 C CG  . LEU A 1 54 ? -5.898  5.180   9.271   1.00 20.97 ? 54  LEU A CG  1 
ATOM   346 C CD1 . LEU A 1 54 ? -6.268  3.943   8.494   1.00 22.73 ? 54  LEU A CD1 1 
ATOM   347 C CD2 . LEU A 1 54 ? -6.119  4.935   10.761  1.00 23.66 ? 54  LEU A CD2 1 
ATOM   348 N N   . GLY A 1 55 ? -3.215  8.556   8.009   1.00 12.83 ? 55  GLY A N   1 
ATOM   349 C CA  . GLY A 1 55 ? -2.154  9.576   8.079   1.00 12.75 ? 55  GLY A CA  1 
ATOM   350 C C   . GLY A 1 55 ? -1.490  9.739   9.427   1.00 14.23 ? 55  GLY A C   1 
ATOM   351 O O   . GLY A 1 55 ? -1.517  10.826  10.007  1.00 13.79 ? 55  GLY A O   1 
ATOM   352 N N   . SER A 1 56 ? -0.887  8.674   9.929   1.00 12.05 ? 56  SER A N   1 
ATOM   353 C CA  . SER A 1 56 ? -0.260  8.632   11.243  1.00 13.01 ? 56  SER A CA  1 
ATOM   354 C C   . SER A 1 56 ? 1.080   9.364   11.280  1.00 13.55 ? 56  SER A C   1 
ATOM   355 O O   . SER A 1 56 ? 1.516   9.807   12.341  1.00 14.35 ? 56  SER A O   1 
ATOM   356 C CB  . SER A 1 56 ? -0.060  7.163   11.654  1.00 15.59 ? 56  SER A CB  1 
ATOM   357 O OG  . SER A 1 56 ? 0.889   6.533   10.796  1.00 13.68 ? 56  SER A OG  1 
ATOM   358 N N   . THR A 1 57 ? 1.742   9.486   10.128  1.00 13.30 ? 57  THR A N   1 
ATOM   359 C CA  . THR A 1 57 ? 3.007   10.237  10.027  1.00 11.56 ? 57  THR A CA  1 
ATOM   360 C C   . THR A 1 57 ? 2.990   11.038  8.724   1.00 10.85 ? 57  THR A C   1 
ATOM   361 O O   . THR A 1 57 ? 2.323   10.611  7.768   1.00 12.42 ? 57  THR A O   1 
ATOM   362 C CB  . THR A 1 57 ? 4.237   9.323   9.954   1.00 11.64 ? 57  THR A CB  1 
ATOM   363 O OG1 . THR A 1 57 ? 4.091   8.414   8.853   1.00 11.15 ? 57  THR A OG1 1 
ATOM   364 C CG2 . THR A 1 57 ? 4.468   8.528   11.266  1.00 13.73 ? 57  THR A CG2 1 
ATOM   365 N N   . PRO A 1 58 ? 3.737   12.167  8.668   1.00 9.77  ? 58  PRO A N   1 
ATOM   366 C CA  . PRO A 1 58 ? 3.956   12.900  7.417   1.00 9.38  ? 58  PRO A CA  1 
ATOM   367 C C   . PRO A 1 58 ? 4.627   11.980  6.385   1.00 11.87 ? 58  PRO A C   1 
ATOM   368 O O   . PRO A 1 58 ? 5.425   11.096  6.747   1.00 13.81 ? 58  PRO A O   1 
ATOM   369 C CB  . PRO A 1 58 ? 4.909   14.047  7.816   1.00 7.98  ? 58  PRO A CB  1 
ATOM   370 C CG  . PRO A 1 58 ? 4.679   14.236  9.283   1.00 6.97  ? 58  PRO A CG  1 
ATOM   371 C CD  . PRO A 1 58 ? 4.419   12.831  9.802   1.00 10.38 ? 58  PRO A CD  1 
ATOM   372 N N   . GLU A 1 59 ? 4.296   12.165  5.115   1.00 11.13 ? 59  GLU A N   1 
ATOM   373 C CA  . GLU A 1 59 ? 4.871   11.340  4.048   1.00 11.93 ? 59  GLU A CA  1 
ATOM   374 C C   . GLU A 1 59 ? 4.756   12.142  2.756   1.00 13.34 ? 59  GLU A C   1 
ATOM   375 O O   . GLU A 1 59 ? 3.816   12.921  2.588   1.00 13.69 ? 59  GLU A O   1 
ATOM   376 C CB  . GLU A 1 59 ? 4.227   9.953   3.956   1.00 14.11 ? 59  GLU A CB  1 
ATOM   377 C CG  . GLU A 1 59 ? 2.700   9.960   3.820   1.00 12.91 ? 59  GLU A CG  1 
ATOM   378 C CD  . GLU A 1 59 ? 2.215   10.212  2.398   1.00 19.15 ? 59  GLU A CD  1 
ATOM   379 O OE1 . GLU A 1 59 ? 2.903   9.807   1.434   1.00 16.33 ? 59  GLU A OE1 1 
ATOM   380 O OE2 . GLU A 1 59 ? 1.129   10.814  2.256   1.00 17.77 ? 59  GLU A OE2 1 
ATOM   381 N N   . THR A 1 60 ? 5.739   11.996  1.868   1.00 14.60 ? 60  THR A N   1 
ATOM   382 C CA  . THR A 1 60 ? 5.816   12.915  0.729   1.00 14.88 ? 60  THR A CA  1 
ATOM   383 C C   . THR A 1 60 ? 5.143   12.366  -0.509  1.00 17.06 ? 60  THR A C   1 
ATOM   384 O O   . THR A 1 60 ? 4.983   13.104  -1.491  1.00 18.33 ? 60  THR A O   1 
ATOM   385 C CB  . THR A 1 60 ? 7.266   13.273  0.365   1.00 15.86 ? 60  THR A CB  1 
ATOM   386 O OG1 . THR A 1 60 ? 7.934   12.058  0.016   1.00 14.58 ? 60  THR A OG1 1 
ATOM   387 C CG2 . THR A 1 60 ? 8.009   13.933  1.531   1.00 15.47 ? 60  THR A CG2 1 
ATOM   388 N N   . LEU A 1 61 ? 4.757   11.090  -0.463  1.00 17.45 ? 61  LEU A N   1 
ATOM   389 C CA  . LEU A 1 61 ? 4.117   10.424  -1.591  1.00 23.56 ? 61  LEU A CA  1 
ATOM   390 C C   . LEU A 1 61 ? 2.716   11.014  -1.826  1.00 25.64 ? 61  LEU A C   1 
ATOM   391 O O   . LEU A 1 61 ? 2.254   11.059  -2.969  1.00 28.60 ? 61  LEU A O   1 
ATOM   392 C CB  . LEU A 1 61 ? 4.140   8.898   -1.401  1.00 24.83 ? 61  LEU A CB  1 
ATOM   393 C CG  . LEU A 1 61 ? 3.976   7.952   -2.598  1.00 26.95 ? 61  LEU A CG  1 
ATOM   394 C CD1 . LEU A 1 61 ? 5.017   8.247   -3.683  1.00 27.10 ? 61  LEU A CD1 1 
ATOM   395 C CD2 . LEU A 1 61 ? 4.020   6.495   -2.198  1.00 25.74 ? 61  LEU A CD2 1 
ATOM   396 N N   . GLY A 1 62 ? 2.078   11.513  -0.764  1.00 23.03 ? 62  GLY A N   1 
ATOM   397 C CA  . GLY A 1 62 ? 0.774   12.191  -0.830  1.00 22.91 ? 62  GLY A CA  1 
ATOM   398 C C   . GLY A 1 62 ? -0.433  11.269  -0.743  1.00 22.17 ? 62  GLY A C   1 
ATOM   399 O O   . GLY A 1 62 ? -1.538  11.638  -1.181  1.00 23.81 ? 62  GLY A O   1 
ATOM   400 N N   . ILE A 1 63 ? -0.236  10.086  -0.165  1.00 19.09 ? 63  ILE A N   1 
ATOM   401 C CA  . ILE A 1 63 ? -1.279  9.059   -0.028  1.00 15.92 ? 63  ILE A CA  1 
ATOM   402 C C   . ILE A 1 63 ? -2.052  9.016   1.303   1.00 16.16 ? 63  ILE A C   1 
ATOM   403 O O   . ILE A 1 63 ? -3.007  8.238   1.455   1.00 14.75 ? 63  ILE A O   1 
ATOM   404 C CB  . ILE A 1 63 ? -0.739  7.653   -0.312  1.00 18.30 ? 63  ILE A CB  1 
ATOM   405 C CG1 . ILE A 1 63 ? 0.192   7.143   0.821   1.00 18.81 ? 63  ILE A CG1 1 
ATOM   406 C CG2 . ILE A 1 63 ? -0.142  7.652   -1.756  1.00 18.04 ? 63  ILE A CG2 1 
ATOM   407 C CD1 . ILE A 1 63 ? 0.457   5.682   0.770   1.00 19.91 ? 63  ILE A CD1 1 
ATOM   408 N N   . ASN A 1 64 ? -1.623  9.830   2.270   1.00 12.35 ? 64  ASN A N   1 
ATOM   409 C CA  . ASN A 1 64 ? -2.310  9.795   3.551   1.00 10.74 ? 64  ASN A CA  1 
ATOM   410 C C   . ASN A 1 64 ? -3.776  10.134  3.350   1.00 10.88 ? 64  ASN A C   1 
ATOM   411 O O   . ASN A 1 64 ? -4.117  11.164  2.749   1.00 10.02 ? 64  ASN A O   1 
ATOM   412 C CB  . ASN A 1 64 ? -1.746  10.834  4.520   1.00 9.81  ? 64  ASN A CB  1 
ATOM   413 C CG  . ASN A 1 64 ? -0.480  10.373  5.214   1.00 7.47  ? 64  ASN A CG  1 
ATOM   414 O OD1 . ASN A 1 64 ? -0.080  9.203   5.137   1.00 10.95 ? 64  ASN A OD1 1 
ATOM   415 N ND2 . ASN A 1 64 ? 0.150   11.311  5.935   1.00 9.70  ? 64  ASN A ND2 1 
ATOM   416 N N   . ASP A 1 65 ? -4.613  9.264   3.907   1.00 10.33 ? 65  ASP A N   1 
ATOM   417 C CA  . ASP A 1 65 ? -6.053  9.502   4.067   1.00 11.09 ? 65  ASP A CA  1 
ATOM   418 C C   . ASP A 1 65 ? -6.865  9.585   2.777   1.00 12.38 ? 65  ASP A C   1 
ATOM   419 O O   . ASP A 1 65 ? -8.035  9.972   2.823   1.00 16.32 ? 65  ASP A O   1 
ATOM   420 C CB  . ASP A 1 65 ? -6.287  10.735  4.956   1.00 12.61 ? 65  ASP A CB  1 
ATOM   421 C CG  . ASP A 1 65 ? -5.549  10.632  6.281   1.00 14.14 ? 65  ASP A CG  1 
ATOM   422 O OD1 . ASP A 1 65 ? -5.768  9.652   7.034   1.00 13.53 ? 65  ASP A OD1 1 
ATOM   423 O OD2 . ASP A 1 65 ? -4.717  11.518  6.542   1.00 12.92 ? 65  ASP A OD2 1 
ATOM   424 N N   . ILE A 1 66 ? -6.260  9.241   1.647   1.00 9.29  ? 66  ILE A N   1 
ATOM   425 C CA  . ILE A 1 66 ? -7.024  9.216   0.381   1.00 10.88 ? 66  ILE A CA  1 
ATOM   426 C C   . ILE A 1 66 ? -7.204  7.776   -0.038  1.00 9.36  ? 66  ILE A C   1 
ATOM   427 O O   . ILE A 1 66 ? -6.474  6.915   0.464   1.00 11.18 ? 66  ILE A O   1 
ATOM   428 C CB  . ILE A 1 66 ? -6.331  10.011  -0.761  1.00 12.09 ? 66  ILE A CB  1 
ATOM   429 C CG1 . ILE A 1 66 ? -4.995  9.377   -1.181  1.00 11.73 ? 66  ILE A CG1 1 
ATOM   430 C CG2 . ILE A 1 66 ? -6.202  11.506  -0.359  1.00 12.62 ? 66  ILE A CG2 1 
ATOM   431 C CD1 . ILE A 1 66 ? -4.324  10.047  -2.411  1.00 13.64 ? 66  ILE A CD1 1 
ATOM   432 N N   . PHE A 1 67 ? -8.162  7.509   -0.928  1.00 10.60 ? 67  PHE A N   1 
ATOM   433 C CA  . PHE A 1 67 ? -8.348  6.172   -1.498  1.00 9.44  ? 67  PHE A CA  1 
ATOM   434 C C   . PHE A 1 67 ? -7.812  6.145   -2.928  1.00 11.28 ? 67  PHE A C   1 
ATOM   435 O O   . PHE A 1 67 ? -8.225  6.934   -3.779  1.00 11.20 ? 67  PHE A O   1 
ATOM   436 C CB  . PHE A 1 67 ? -9.835  5.729   -1.422  1.00 10.93 ? 67  PHE A CB  1 
ATOM   437 C CG  . PHE A 1 67 ? -10.230 5.288   -0.042  1.00 11.31 ? 67  PHE A CG  1 
ATOM   438 C CD1 . PHE A 1 67 ? -10.079 3.955   0.345   1.00 12.49 ? 67  PHE A CD1 1 
ATOM   439 C CD2 . PHE A 1 67 ? -10.724 6.213   0.885   1.00 12.99 ? 67  PHE A CD2 1 
ATOM   440 C CE1 . PHE A 1 67 ? -10.413 3.533   1.637   1.00 12.14 ? 67  PHE A CE1 1 
ATOM   441 C CE2 . PHE A 1 67 ? -11.042 5.810   2.202   1.00 14.44 ? 67  PHE A CE2 1 
ATOM   442 C CZ  . PHE A 1 67 ? -10.896 4.450   2.577   1.00 13.85 ? 67  PHE A CZ  1 
ATOM   443 N N   . ILE A 1 68 ? -6.871  5.237   -3.169  1.00 10.89 ? 68  ILE A N   1 
ATOM   444 C CA  . ILE A 1 68 ? -6.351  4.961   -4.510  1.00 11.18 ? 68  ILE A CA  1 
ATOM   445 C C   . ILE A 1 68 ? -6.384  3.453   -4.706  1.00 11.71 ? 68  ILE A C   1 
ATOM   446 O O   . ILE A 1 68 ? -6.546  2.706   -3.733  1.00 10.94 ? 68  ILE A O   1 
ATOM   447 C CB  . ILE A 1 68 ? -4.922  5.519   -4.711  1.00 11.61 ? 68  ILE A CB  1 
ATOM   448 C CG1 . ILE A 1 68 ? -3.933  4.917   -3.702  1.00 12.25 ? 68  ILE A CG1 1 
ATOM   449 C CG2 . ILE A 1 68 ? -4.958  7.028   -4.585  1.00 13.62 ? 68  ILE A CG2 1 
ATOM   450 C CD1 . ILE A 1 68 ? -2.462  5.256   -4.052  1.00 13.35 ? 68  ILE A CD1 1 
ATOM   451 N N   . THR A 1 69 ? -6.245  2.976   -5.939  1.00 11.58 ? 69  THR A N   1 
ATOM   452 C CA  . THR A 1 69 ? -6.259  1.524   -6.101  1.00 11.94 ? 69  THR A CA  1 
ATOM   453 C C   . THR A 1 69 ? -4.907  0.938   -5.695  1.00 11.47 ? 69  THR A C   1 
ATOM   454 O O   . THR A 1 69 ? -3.905  1.662   -5.657  1.00 8.51  ? 69  THR A O   1 
ATOM   455 C CB  . THR A 1 69 ? -6.599  1.049   -7.528  1.00 12.87 ? 69  THR A CB  1 
ATOM   456 O OG1 . THR A 1 69 ? -5.540  1.396   -8.425  1.00 12.72 ? 69  THR A OG1 1 
ATOM   457 C CG2 . THR A 1 69 ? -7.953  1.635   -8.024  1.00 10.79 ? 69  THR A CG2 1 
ATOM   458 N N   . LEU A 1 70 ? -4.896  -0.364  -5.388  1.00 11.16 ? 70  LEU A N   1 
ATOM   459 C CA  A LEU A 1 70 ? -3.655  -1.094  -5.114  0.60 12.55 ? 70  LEU A CA  1 
ATOM   460 C CA  B LEU A 1 70 ? -3.642  -1.070  -5.107  0.40 11.63 ? 70  LEU A CA  1 
ATOM   461 C C   . LEU A 1 70 ? -2.665  -0.935  -6.269  1.00 12.56 ? 70  LEU A C   1 
ATOM   462 O O   . LEU A 1 70 ? -1.466  -0.659  -6.058  1.00 11.40 ? 70  LEU A O   1 
ATOM   463 C CB  A LEU A 1 70 ? -3.974  -2.567  -4.879  0.60 13.97 ? 70  LEU A CB  1 
ATOM   464 C CB  B LEU A 1 70 ? -3.878  -2.540  -4.792  0.40 11.32 ? 70  LEU A CB  1 
ATOM   465 C CG  A LEU A 1 70 ? -2.947  -3.566  -4.358  0.60 14.60 ? 70  LEU A CG  1 
ATOM   466 C CG  B LEU A 1 70 ? -3.974  -2.832  -3.302  0.40 10.20 ? 70  LEU A CG  1 
ATOM   467 C CD1 A LEU A 1 70 ? -2.527  -3.217  -2.955  0.60 15.76 ? 70  LEU A CD1 1 
ATOM   468 C CD1 B LEU A 1 70 ? -3.932  -4.333  -3.072  0.40 7.95  ? 70  LEU A CD1 1 
ATOM   469 C CD2 A LEU A 1 70 ? -3.604  -4.939  -4.373  0.60 17.34 ? 70  LEU A CD2 1 
ATOM   470 C CD2 B LEU A 1 70 ? -2.817  -2.134  -2.593  0.40 11.95 ? 70  LEU A CD2 1 
ATOM   471 N N   . GLY A 1 71 ? -3.178  -1.125  -7.483  1.00 11.86 ? 71  GLY A N   1 
ATOM   472 C CA  . GLY A 1 71 ? -2.391  -0.925  -8.694  1.00 14.07 ? 71  GLY A CA  1 
ATOM   473 C C   . GLY A 1 71 ? -1.790  0.474   -8.788  1.00 12.31 ? 71  GLY A C   1 
ATOM   474 O O   . GLY A 1 71 ? -0.628  0.617   -9.202  1.00 12.24 ? 71  GLY A O   1 
ATOM   475 N N   . GLU A 1 72 ? -2.569  1.506   -8.434  1.00 12.57 ? 72  GLU A N   1 
ATOM   476 C CA  . GLU A 1 72 ? -2.046  2.887   -8.421  1.00 10.71 ? 72  GLU A CA  1 
ATOM   477 C C   . GLU A 1 72 ? -0.953  3.084   -7.372  1.00 11.17 ? 72  GLU A C   1 
ATOM   478 O O   . GLU A 1 72 ? 0.041   3.781   -7.631  1.00 11.57 ? 72  GLU A O   1 
ATOM   479 C CB  . GLU A 1 72 ? -3.173  3.919   -8.236  1.00 13.39 ? 72  GLU A CB  1 
ATOM   480 C CG  . GLU A 1 72 ? -4.018  4.048   -9.500  1.00 14.37 ? 72  GLU A CG  1 
ATOM   481 C CD  . GLU A 1 72 ? -5.412  4.635   -9.275  1.00 22.30 ? 72  GLU A CD  1 
ATOM   482 O OE1 . GLU A 1 72 ? -5.878  4.770   -8.120  1.00 17.73 ? 72  GLU A OE1 1 
ATOM   483 O OE2 . GLU A 1 72 ? -6.067  4.950   -10.294 1.00 23.47 ? 72  GLU A OE2 1 
ATOM   484 N N   . LEU A 1 73 ? -1.128  2.479   -6.195  1.00 9.10  ? 73  LEU A N   1 
ATOM   485 C CA  . LEU A 1 73 ? -0.098  2.560   -5.145  1.00 9.40  ? 73  LEU A CA  1 
ATOM   486 C C   . LEU A 1 73 ? 1.201   1.909   -5.624  1.00 9.45  ? 73  LEU A C   1 
ATOM   487 O O   . LEU A 1 73 ? 2.308   2.442   -5.407  1.00 9.66  ? 73  LEU A O   1 
ATOM   488 C CB  . LEU A 1 73 ? -0.588  1.920   -3.835  1.00 10.51 ? 73  LEU A CB  1 
ATOM   489 C CG  . LEU A 1 73 ? 0.462   1.832   -2.713  1.00 9.83  ? 73  LEU A CG  1 
ATOM   490 C CD1 . LEU A 1 73 ? 1.104   3.181   -2.339  1.00 14.00 ? 73  LEU A CD1 1 
ATOM   491 C CD2 . LEU A 1 73 ? -0.137  1.205   -1.426  1.00 13.00 ? 73  LEU A CD2 1 
ATOM   492 N N   . MET A 1 74 ? 1.055   0.765   -6.283  1.00 9.23  ? 74  MET A N   1 
ATOM   493 C CA  . MET A 1 74 ? 2.223   0.030   -6.787  1.00 11.76 ? 74  MET A CA  1 
ATOM   494 C C   . MET A 1 74 ? 2.977   0.850   -7.827  1.00 10.86 ? 74  MET A C   1 
ATOM   495 O O   . MET A 1 74 ? 4.212   0.935   -7.778  1.00 11.88 ? 74  MET A O   1 
ATOM   496 C CB  . MET A 1 74 ? 1.815   -1.354  -7.297  1.00 12.12 ? 74  MET A CB  1 
ATOM   497 C CG  . MET A 1 74 ? 1.470   -2.253  -6.095  1.00 17.35 ? 74  MET A CG  1 
ATOM   498 S SD  . MET A 1 74 ? 0.853   -3.898  -6.562  1.00 23.55 ? 74  MET A SD  1 
ATOM   499 C CE  . MET A 1 74 ? 2.302   -4.612  -7.331  1.00 19.58 ? 74  MET A CE  1 
ATOM   500 N N   . THR A 1 75 ? 2.231   1.473   -8.736  1.00 10.89 ? 75  THR A N   1 
ATOM   501 C CA  . THR A 1 75 ? 2.810   2.388   -9.734  1.00 11.89 ? 75  THR A CA  1 
ATOM   502 C C   . THR A 1 75 ? 3.557   3.563   -9.096  1.00 11.15 ? 75  THR A C   1 
ATOM   503 O O   . THR A 1 75 ? 4.680   3.916   -9.535  1.00 10.78 ? 75  THR A O   1 
ATOM   504 C CB  . THR A 1 75 ? 1.742   2.874   -10.730 1.00 11.95 ? 75  THR A CB  1 
ATOM   505 O OG1 . THR A 1 75 ? 1.201   1.733   -11.408 1.00 14.88 ? 75  THR A OG1 1 
ATOM   506 C CG2 . THR A 1 75 ? 2.341   3.855   -11.747 1.00 15.19 ? 75  THR A CG2 1 
ATOM   507 N N   . LYS A 1 76 ? 2.966   4.161   -8.061  1.00 11.83 ? 76  LYS A N   1 
ATOM   508 C CA  . LYS A 1 76 ? 3.679   5.222   -7.349  1.00 11.37 ? 76  LYS A CA  1 
ATOM   509 C C   . LYS A 1 76 ? 4.996   4.724   -6.732  1.00 13.09 ? 76  LYS A C   1 
ATOM   510 O O   . LYS A 1 76 ? 6.015   5.422   -6.828  1.00 13.67 ? 76  LYS A O   1 
ATOM   511 C CB  . LYS A 1 76 ? 2.845   5.849   -6.233  1.00 11.56 ? 76  LYS A CB  1 
ATOM   512 C CG  . LYS A 1 76 ? 1.626   6.640   -6.690  1.00 16.30 ? 76  LYS A CG  1 
ATOM   513 C CD  . LYS A 1 76 ? 0.936   7.189   -5.439  1.00 16.59 ? 76  LYS A CD  1 
ATOM   514 C CE  . LYS A 1 76 ? -0.293  7.991   -5.796  1.00 20.98 ? 76  LYS A CE  1 
ATOM   515 N NZ  . LYS A 1 76 ? 0.090   9.260   -6.489  1.00 22.46 ? 76  LYS A NZ  1 
ATOM   516 N N   . LEU A 1 77 ? 4.967   3.553   -6.088  1.00 11.53 ? 77  LEU A N   1 
ATOM   517 C CA  . LEU A 1 77 ? 6.168   3.027   -5.429  1.00 12.80 ? 77  LEU A CA  1 
ATOM   518 C C   . LEU A 1 77 ? 7.283   2.659   -6.422  1.00 12.34 ? 77  LEU A C   1 
ATOM   519 O O   . LEU A 1 77 ? 8.474   2.726   -6.085  1.00 11.63 ? 77  LEU A O   1 
ATOM   520 C CB  . LEU A 1 77 ? 5.852   1.831   -4.527  1.00 13.59 ? 77  LEU A CB  1 
ATOM   521 C CG  . LEU A 1 77 ? 4.946   2.136   -3.324  1.00 15.11 ? 77  LEU A CG  1 
ATOM   522 C CD1 . LEU A 1 77 ? 4.382   0.836   -2.738  1.00 14.87 ? 77  LEU A CD1 1 
ATOM   523 C CD2 . LEU A 1 77 ? 5.730   2.950   -2.269  1.00 15.53 ? 77  LEU A CD2 1 
ATOM   524 N N   . GLU A 1 78 ? 6.896   2.279   -7.633  1.00 12.04 ? 78  GLU A N   1 
ATOM   525 C CA  . GLU A 1 78 ? 7.887   1.929   -8.665  1.00 15.73 ? 78  GLU A CA  1 
ATOM   526 C C   . GLU A 1 78 ? 8.854   3.058   -8.977  1.00 15.98 ? 78  GLU A C   1 
ATOM   527 O O   . GLU A 1 78 ? 9.995   2.806   -9.374  1.00 14.89 ? 78  GLU A O   1 
ATOM   528 C CB  . GLU A 1 78 ? 7.178   1.523   -9.954  1.00 17.69 ? 78  GLU A CB  1 
ATOM   529 C CG  . GLU A 1 78 ? 6.612   0.134   -9.844  1.00 22.04 ? 78  GLU A CG  1 
ATOM   530 C CD  . GLU A 1 78 ? 5.716   -0.245  -11.000 1.00 24.42 ? 78  GLU A CD  1 
ATOM   531 O OE1 . GLU A 1 78 ? 5.374   0.615   -11.845 1.00 24.28 ? 78  GLU A OE1 1 
ATOM   532 O OE2 . GLU A 1 78 ? 5.352   -1.437  -11.034 1.00 26.80 ? 78  GLU A OE2 1 
ATOM   533 N N   . LYS A 1 79 ? 8.398   4.297   -8.798  1.00 16.40 ? 79  LYS A N   1 
ATOM   534 C CA  . LYS A 1 79 ? 9.248   5.458   -9.050  1.00 18.51 ? 79  LYS A CA  1 
ATOM   535 C C   . LYS A 1 79 ? 10.539  5.457   -8.218  1.00 19.04 ? 79  LYS A C   1 
ATOM   536 O O   . LYS A 1 79 ? 11.563  5.952   -8.700  1.00 21.06 ? 79  LYS A O   1 
ATOM   537 C CB  . LYS A 1 79 ? 8.470   6.777   -8.911  1.00 19.55 ? 79  LYS A CB  1 
ATOM   538 C CG  . LYS A 1 79 ? 7.078   6.795   -9.563  1.00 24.99 ? 79  LYS A CG  1 
ATOM   539 C CD  . LYS A 1 79 ? 7.051   6.346   -11.025 1.00 28.55 ? 79  LYS A CD  1 
ATOM   540 C CE  . LYS A 1 79 ? 5.617   6.427   -11.533 1.00 29.87 ? 79  LYS A CE  1 
ATOM   541 N NZ  . LYS A 1 79 ? 5.481   6.078   -12.976 1.00 31.41 ? 79  LYS A NZ  1 
ATOM   542 N N   . TYR A 1 80 ? 10.521  4.883   -7.014  1.00 14.71 ? 80  TYR A N   1 
ATOM   543 C CA  . TYR A 1 80 ? 11.714  4.795   -6.176  1.00 17.03 ? 80  TYR A CA  1 
ATOM   544 C C   . TYR A 1 80 ? 12.737  3.783   -6.673  1.00 17.73 ? 80  TYR A C   1 
ATOM   545 O O   . TYR A 1 80 ? 13.918  3.923   -6.359  1.00 21.20 ? 80  TYR A O   1 
ATOM   546 C CB  . TYR A 1 80 ? 11.369  4.457   -4.728  1.00 18.48 ? 80  TYR A CB  1 
ATOM   547 C CG  . TYR A 1 80 ? 10.537  5.522   -4.065  1.00 23.21 ? 80  TYR A CG  1 
ATOM   548 C CD1 . TYR A 1 80 ? 11.128  6.682   -3.553  1.00 24.73 ? 80  TYR A CD1 1 
ATOM   549 C CD2 . TYR A 1 80 ? 9.155   5.375   -3.953  1.00 25.38 ? 80  TYR A CD2 1 
ATOM   550 C CE1 . TYR A 1 80 ? 10.364  7.671   -2.940  1.00 25.28 ? 80  TYR A CE1 1 
ATOM   551 C CE2 . TYR A 1 80 ? 8.378   6.351   -3.344  1.00 26.23 ? 80  TYR A CE2 1 
ATOM   552 C CZ  . TYR A 1 80 ? 8.989   7.495   -2.840  1.00 26.26 ? 80  TYR A CZ  1 
ATOM   553 O OH  . TYR A 1 80 ? 8.205   8.447   -2.237  1.00 27.97 ? 80  TYR A OH  1 
ATOM   554 N N   . ASP A 1 81 ? 12.287  2.781   -7.427  1.00 14.98 ? 81  ASP A N   1 
ATOM   555 C CA  . ASP A 1 81 ? 13.132  1.689   -7.907  1.00 14.92 ? 81  ASP A CA  1 
ATOM   556 C C   . ASP A 1 81 ? 13.563  2.023   -9.339  1.00 15.20 ? 81  ASP A C   1 
ATOM   557 O O   . ASP A 1 81 ? 12.916  1.615   -10.296 1.00 15.89 ? 81  ASP A O   1 
ATOM   558 C CB  . ASP A 1 81 ? 12.308  0.396   -7.823  1.00 16.54 ? 81  ASP A CB  1 
ATOM   559 C CG  . ASP A 1 81 ? 13.035  -0.834  -8.345  1.00 19.57 ? 81  ASP A CG  1 
ATOM   560 O OD1 . ASP A 1 81 ? 14.234  -0.763  -8.676  1.00 16.79 ? 81  ASP A OD1 1 
ATOM   561 O OD2 . ASP A 1 81 ? 12.368  -1.885  -8.415  1.00 22.79 ? 81  ASP A OD2 1 
ATOM   562 N N   . THR A 1 82 ? 14.645  2.786   -9.480  1.00 13.39 ? 82  THR A N   1 
ATOM   563 C CA  . THR A 1 82 ? 15.015  3.345   -10.800 1.00 13.70 ? 82  THR A CA  1 
ATOM   564 C C   . THR A 1 82 ? 15.796  2.372   -11.676 1.00 14.01 ? 82  THR A C   1 
ATOM   565 O O   . THR A 1 82 ? 15.824  2.490   -12.922 1.00 13.83 ? 82  THR A O   1 
ATOM   566 C CB  . THR A 1 82 ? 15.813  4.665   -10.660 1.00 14.46 ? 82  THR A CB  1 
ATOM   567 O OG1 . THR A 1 82 ? 17.005  4.423   -9.896  1.00 16.44 ? 82  THR A OG1 1 
ATOM   568 C CG2 . THR A 1 82 ? 14.970  5.739   -9.960  1.00 16.72 ? 82  THR A CG2 1 
ATOM   569 N N   . ASP A 1 83 ? 16.460  1.430   -11.012 1.00 12.71 ? 83  ASP A N   1 
ATOM   570 C CA  . ASP A 1 83 ? 17.364  0.499   -11.693 1.00 12.34 ? 83  ASP A CA  1 
ATOM   571 C C   . ASP A 1 83 ? 17.854  -0.537  -10.680 1.00 13.83 ? 83  ASP A C   1 
ATOM   572 O O   . ASP A 1 83 ? 17.870  -0.231  -9.481  1.00 12.33 ? 83  ASP A O   1 
ATOM   573 C CB  . ASP A 1 83 ? 18.577  1.236   -12.290 1.00 12.37 ? 83  ASP A CB  1 
ATOM   574 C CG  . ASP A 1 83 ? 19.477  1.831   -11.227 1.00 13.29 ? 83  ASP A CG  1 
ATOM   575 O OD1 . ASP A 1 83 ? 19.179  2.938   -10.739 1.00 14.87 ? 83  ASP A OD1 1 
ATOM   576 O OD2 . ASP A 1 83 ? 20.477  1.174   -10.883 1.00 12.67 ? 83  ASP A OD2 1 
ATOM   577 N N   . PRO A 1 84 ? 18.249  -1.738  -11.153 1.00 13.12 ? 84  PRO A N   1 
ATOM   578 C CA  . PRO A 1 84 ? 18.696  -2.780  -10.214 1.00 13.91 ? 84  PRO A CA  1 
ATOM   579 C C   . PRO A 1 84 ? 19.999  -2.498  -9.468  1.00 13.13 ? 84  PRO A C   1 
ATOM   580 O O   . PRO A 1 84 ? 20.199  -3.114  -8.427  1.00 12.16 ? 84  PRO A O   1 
ATOM   581 C CB  . PRO A 1 84 ? 18.862  -4.036  -11.089 1.00 13.63 ? 84  PRO A CB  1 
ATOM   582 C CG  . PRO A 1 84 ? 19.033  -3.512  -12.500 1.00 14.26 ? 84  PRO A CG  1 
ATOM   583 C CD  . PRO A 1 84 ? 18.236  -2.223  -12.551 1.00 13.85 ? 84  PRO A CD  1 
ATOM   584 N N   . PHE A 1 85 ? 20.870  -1.617  -9.971  1.00 13.19 ? 85  PHE A N   1 
ATOM   585 C CA  . PHE A 1 85 ? 22.167  -1.367  -9.321  1.00 12.12 ? 85  PHE A CA  1 
ATOM   586 C C   . PHE A 1 85 ? 21.987  -0.567  -8.033  1.00 12.34 ? 85  PHE A C   1 
ATOM   587 O O   . PHE A 1 85 ? 22.483  -0.968  -6.954  1.00 12.42 ? 85  PHE A O   1 
ATOM   588 C CB  . PHE A 1 85 ? 23.143  -0.678  -10.292 1.00 11.30 ? 85  PHE A CB  1 
ATOM   589 C CG  . PHE A 1 85 ? 23.211  -1.369  -11.619 1.00 11.23 ? 85  PHE A CG  1 
ATOM   590 C CD1 . PHE A 1 85 ? 23.945  -2.537  -11.780 1.00 12.66 ? 85  PHE A CD1 1 
ATOM   591 C CD2 . PHE A 1 85 ? 22.500  -0.857  -12.720 1.00 9.46  ? 85  PHE A CD2 1 
ATOM   592 C CE1 . PHE A 1 85 ? 23.984  -3.201  -13.013 1.00 14.17 ? 85  PHE A CE1 1 
ATOM   593 C CE2 . PHE A 1 85 ? 22.523  -1.524  -13.958 1.00 9.43  ? 85  PHE A CE2 1 
ATOM   594 C CZ  . PHE A 1 85 ? 23.281  -2.696  -14.095 1.00 12.42 ? 85  PHE A CZ  1 
ATOM   595 N N   . THR A 1 86 ? 21.277  0.548   -8.154  1.00 11.95 ? 86  THR A N   1 
ATOM   596 C CA  . THR A 1 86 ? 20.935  1.336   -6.957  1.00 13.94 ? 86  THR A CA  1 
ATOM   597 C C   . THR A 1 86 ? 20.023  0.540   -6.026  1.00 15.07 ? 86  THR A C   1 
ATOM   598 O O   . THR A 1 86 ? 20.160  0.640   -4.805  1.00 13.13 ? 86  THR A O   1 
ATOM   599 C CB  . THR A 1 86 ? 20.295  2.700   -7.271  1.00 14.07 ? 86  THR A CB  1 
ATOM   600 O OG1 . THR A 1 86 ? 19.130  2.542   -8.095  1.00 13.32 ? 86  THR A OG1 1 
ATOM   601 C CG2 . THR A 1 86 ? 21.330  3.629   -7.917  1.00 11.49 ? 86  THR A CG2 1 
ATOM   602 N N   . THR A 1 87 ? 19.094  -0.239  -6.582  1.00 13.30 ? 87  THR A N   1 
ATOM   603 C CA  . THR A 1 87 ? 18.212  -1.042  -5.724  1.00 14.30 ? 87  THR A CA  1 
ATOM   604 C C   . THR A 1 87 ? 19.013  -2.090  -4.937  1.00 14.80 ? 87  THR A C   1 
ATOM   605 O O   . THR A 1 87 ? 18.754  -2.288  -3.735  1.00 12.90 ? 87  THR A O   1 
ATOM   606 C CB  . THR A 1 87 ? 17.030  -1.634  -6.533  1.00 15.51 ? 87  THR A CB  1 
ATOM   607 O OG1 . THR A 1 87 ? 16.137  -0.562  -6.870  1.00 16.92 ? 87  THR A OG1 1 
ATOM   608 C CG2 . THR A 1 87 ? 16.233  -2.707  -5.757  1.00 17.12 ? 87  THR A CG2 1 
ATOM   609 N N   . PHE A 1 88 ? 19.975  -2.727  -5.610  1.00 13.22 ? 88  PHE A N   1 
ATOM   610 C CA  . PHE A 1 88 ? 20.839  -3.689  -4.913  1.00 14.04 ? 88  PHE A CA  1 
ATOM   611 C C   . PHE A 1 88 ? 21.586  -3.006  -3.755  1.00 12.75 ? 88  PHE A C   1 
ATOM   612 O O   . PHE A 1 88 ? 21.600  -3.508  -2.622  1.00 13.62 ? 88  PHE A O   1 
ATOM   613 C CB  . PHE A 1 88 ? 21.837  -4.383  -5.859  1.00 13.50 ? 88  PHE A CB  1 
ATOM   614 C CG  . PHE A 1 88 ? 22.789  -5.284  -5.118  1.00 13.62 ? 88  PHE A CG  1 
ATOM   615 C CD1 . PHE A 1 88 ? 22.424  -6.597  -4.818  1.00 11.34 ? 88  PHE A CD1 1 
ATOM   616 C CD2 . PHE A 1 88 ? 24.020  -4.792  -4.669  1.00 14.45 ? 88  PHE A CD2 1 
ATOM   617 C CE1 . PHE A 1 88 ? 23.292  -7.439  -4.099  1.00 11.83 ? 88  PHE A CE1 1 
ATOM   618 C CE2 . PHE A 1 88 ? 24.879  -5.605  -3.927  1.00 14.48 ? 88  PHE A CE2 1 
ATOM   619 C CZ  . PHE A 1 88 ? 24.516  -6.940  -3.658  1.00 14.97 ? 88  PHE A CZ  1 
ATOM   620 N N   . ASP A 1 89 ? 22.226  -1.875  -4.048  1.00 10.94 ? 89  ASP A N   1 
ATOM   621 C CA  . ASP A 1 89 ? 22.994  -1.172  -3.013  1.00 12.63 ? 89  ASP A CA  1 
ATOM   622 C C   . ASP A 1 89 ? 22.130  -0.711  -1.845  1.00 13.19 ? 89  ASP A C   1 
ATOM   623 O O   . ASP A 1 89 ? 22.555  -0.764  -0.674  1.00 11.31 ? 89  ASP A O   1 
ATOM   624 C CB  . ASP A 1 89 ? 23.754  0.015   -3.626  1.00 13.61 ? 89  ASP A CB  1 
ATOM   625 C CG  . ASP A 1 89 ? 25.038  -0.393  -4.324  1.00 12.97 ? 89  ASP A CG  1 
ATOM   626 O OD1 . ASP A 1 89 ? 25.342  -1.608  -4.403  1.00 12.92 ? 89  ASP A OD1 1 
ATOM   627 O OD2 . ASP A 1 89 ? 25.764  0.511   -4.816  1.00 12.75 ? 89  ASP A OD2 1 
ATOM   628 N N   . LYS A 1 90 ? 20.911  -0.269  -2.159  1.00 12.39 ? 90  LYS A N   1 
ATOM   629 C CA  . LYS A 1 90 ? 19.993  0.188   -1.106  1.00 16.16 ? 90  LYS A CA  1 
ATOM   630 C C   . LYS A 1 90 ? 19.595  -0.944  -0.156  1.00 17.35 ? 90  LYS A C   1 
ATOM   631 O O   . LYS A 1 90 ? 19.382  -0.708  1.044   1.00 15.63 ? 90  LYS A O   1 
ATOM   632 C CB  . LYS A 1 90 ? 18.764  0.852   -1.715  1.00 17.29 ? 90  LYS A CB  1 
ATOM   633 C CG  . LYS A 1 90 ? 19.029  2.292   -2.174  1.00 18.29 ? 90  LYS A CG  1 
ATOM   634 C CD  . LYS A 1 90 ? 17.783  3.006   -2.693  1.00 21.08 ? 90  LYS A CD  1 
ATOM   635 C CE  . LYS A 1 90 ? 17.395  2.588   -4.092  1.00 21.78 ? 90  LYS A CE  1 
ATOM   636 N NZ  . LYS A 1 90 ? 16.431  3.555   -4.735  1.00 19.87 ? 90  LYS A NZ  1 
ATOM   637 N N   . LEU A 1 91 ? 19.522  -2.165  -0.679  1.00 17.69 ? 91  LEU A N   1 
ATOM   638 C CA  . LEU A 1 91 ? 19.157  -3.325  0.144   1.00 18.36 ? 91  LEU A CA  1 
ATOM   639 C C   . LEU A 1 91 ? 20.354  -3.998  0.828   1.00 19.45 ? 91  LEU A C   1 
ATOM   640 O O   . LEU A 1 91 ? 20.196  -4.492  1.957   1.00 18.63 ? 91  LEU A O   1 
ATOM   641 C CB  . LEU A 1 91 ? 18.316  -4.335  -0.664  1.00 18.93 ? 91  LEU A CB  1 
ATOM   642 C CG  . LEU A 1 91 ? 16.914  -3.892  -1.112  1.00 21.73 ? 91  LEU A CG  1 
ATOM   643 C CD1 . LEU A 1 91 ? 16.506  -4.549  -2.429  1.00 22.75 ? 91  LEU A CD1 1 
ATOM   644 C CD2 . LEU A 1 91 ? 15.840  -4.150  -0.055  1.00 24.15 ? 91  LEU A CD2 1 
ATOM   645 N N   . HIS A 1 92 ? 21.533  -3.966  0.204   1.00 17.53 ? 92  HIS A N   1 
ATOM   646 C CA  . HIS A 1 92 ? 22.699  -4.788  0.606   1.00 21.15 ? 92  HIS A CA  1 
ATOM   647 C C   . HIS A 1 92 ? 24.004  -4.145  1.048   1.00 22.23 ? 92  HIS A C   1 
ATOM   648 O O   . HIS A 1 92 ? 24.818  -4.812  1.697   1.00 20.11 ? 92  HIS A O   1 
ATOM   649 C CB  . HIS A 1 92 ? 23.054  -5.756  -0.529  1.00 23.05 ? 92  HIS A CB  1 
ATOM   650 C CG  . HIS A 1 92 ? 21.899  -6.610  -0.935  1.00 27.52 ? 92  HIS A CG  1 
ATOM   651 N ND1 . HIS A 1 92 ? 21.642  -7.835  -0.349  1.00 28.41 ? 92  HIS A ND1 1 
ATOM   652 C CD2 . HIS A 1 92 ? 20.907  -6.395  -1.832  1.00 27.26 ? 92  HIS A CD2 1 
ATOM   653 C CE1 . HIS A 1 92 ? 20.550  -8.346  -0.893  1.00 29.52 ? 92  HIS A CE1 1 
ATOM   654 N NE2 . HIS A 1 92 ? 20.086  -7.495  -1.793  1.00 31.48 ? 92  HIS A NE2 1 
ATOM   655 N N   . VAL A 1 93 ? 24.227  -2.880  0.699   1.00 21.72 ? 93  VAL A N   1 
ATOM   656 C CA  . VAL A 1 93 ? 25.491  -2.213  1.045   1.00 23.67 ? 93  VAL A CA  1 
ATOM   657 C C   . VAL A 1 93 ? 25.342  -1.322  2.281   1.00 26.49 ? 93  VAL A C   1 
ATOM   658 O O   . VAL A 1 93 ? 24.358  -0.591  2.409   1.00 28.48 ? 93  VAL A O   1 
ATOM   659 C CB  . VAL A 1 93 ? 26.092  -1.467  -0.190  1.00 25.21 ? 93  VAL A CB  1 
ATOM   660 C CG1 . VAL A 1 93 ? 27.414  -0.756  0.151   1.00 27.18 ? 93  VAL A CG1 1 
ATOM   661 C CG2 . VAL A 1 93 ? 26.314  -2.452  -1.318  1.00 21.32 ? 93  VAL A CG2 1 
HETATM 662 O O   . HOH B 2 .  ? -12.260 -1.636  -3.834  1.00 12.61 ? 101 HOH A O   1 
HETATM 663 O O   . HOH B 2 .  ? 16.541  2.231   -7.241  1.00 15.14 ? 102 HOH A O   1 
HETATM 664 O O   . HOH B 2 .  ? -0.799  4.792   9.349   1.00 14.08 ? 103 HOH A O   1 
HETATM 665 O O   . HOH B 2 .  ? -13.667 -8.089  2.048   1.00 10.04 ? 104 HOH A O   1 
HETATM 666 O O   . HOH B 2 .  ? 24.940  3.000   -4.436  1.00 15.19 ? 105 HOH A O   1 
HETATM 667 O O   . HOH B 2 .  ? -3.656  -10.322 -3.242  1.00 14.01 ? 106 HOH A O   1 
HETATM 668 O O   . HOH B 2 .  ? 21.989  3.221   -4.023  1.00 21.10 ? 107 HOH A O   1 
HETATM 669 O O   . HOH B 2 .  ? -16.370 -0.990  -4.276  1.00 13.60 ? 108 HOH A O   1 
HETATM 670 O O   . HOH B 2 .  ? -3.809  6.066   0.548   1.00 17.14 ? 109 HOH A O   1 
HETATM 671 O O   . HOH B 2 .  ? -19.788 -5.677  1.771   1.00 16.17 ? 110 HOH A O   1 
HETATM 672 O O   . HOH B 2 .  ? -12.993 8.907   6.426   1.00 18.16 ? 111 HOH A O   1 
HETATM 673 O O   . HOH B 2 .  ? -16.632 -7.740  -0.427  1.00 18.42 ? 112 HOH A O   1 
HETATM 674 O O   . HOH B 2 .  ? 9.788   0.587   -4.878  1.00 18.33 ? 113 HOH A O   1 
HETATM 675 O O   . HOH B 2 .  ? -8.194  8.322   6.935   1.00 21.01 ? 114 HOH A O   1 
HETATM 676 O O   . HOH B 2 .  ? 0.517   -1.302  -10.845 1.00 20.60 ? 115 HOH A O   1 
HETATM 677 O O   . HOH B 2 .  ? -11.089 0.100   -8.740  1.00 24.38 ? 116 HOH A O   1 
HETATM 678 O O   . HOH B 2 .  ? 4.761   -4.348  9.482   1.00 19.23 ? 117 HOH A O   1 
HETATM 679 O O   . HOH B 2 .  ? -4.115  13.684  5.121   1.00 21.68 ? 118 HOH A O   1 
HETATM 680 O O   . HOH B 2 .  ? -8.115  6.102   5.538   1.00 24.80 ? 119 HOH A O   1 
HETATM 681 O O   . HOH B 2 .  ? -13.345 -2.929  9.872   1.00 18.15 ? 120 HOH A O   1 
HETATM 682 O O   . HOH B 2 .  ? -0.269  5.592   -9.642  1.00 21.49 ? 121 HOH A O   1 
HETATM 683 O O   . HOH B 2 .  ? -5.296  -8.017  -9.735  1.00 24.06 ? 122 HOH A O   1 
HETATM 684 O O   . HOH B 2 .  ? -5.872  0.268   -10.746 1.00 25.29 ? 123 HOH A O   1 
HETATM 685 O O   . HOH B 2 .  ? 23.204  -9.174  1.890   1.00 15.23 ? 124 HOH A O   1 
HETATM 686 O O   . HOH B 2 .  ? 18.076  6.278   -8.222  1.00 20.93 ? 125 HOH A O   1 
HETATM 687 O O   . HOH B 2 .  ? 2.250   7.055   -10.297 1.00 38.54 ? 126 HOH A O   1 
HETATM 688 O O   . HOH B 2 .  ? -13.562 3.279   8.959   1.00 23.97 ? 127 HOH A O   1 
HETATM 689 O O   . HOH B 2 .  ? -13.995 0.108   -4.957  1.00 18.12 ? 128 HOH A O   1 
HETATM 690 O O   . HOH B 2 .  ? -9.238  12.249  2.015   1.00 19.85 ? 129 HOH A O   1 
HETATM 691 O O   . HOH B 2 .  ? 9.538   -1.619  -8.857  1.00 25.94 ? 130 HOH A O   1 
HETATM 692 O O   . HOH B 2 .  ? 26.899  -6.193  0.686   1.00 18.90 ? 131 HOH A O   1 
HETATM 693 O O   . HOH B 2 .  ? -20.858 -5.629  7.829   1.00 23.31 ? 132 HOH A O   1 
HETATM 694 O O   . HOH B 2 .  ? 5.562   8.281   -7.255  1.00 28.19 ? 133 HOH A O   1 
HETATM 695 O O   . HOH B 2 .  ? -5.619  -2.620  -11.807 1.00 27.73 ? 134 HOH A O   1 
HETATM 696 O O   . HOH B 2 .  ? -10.081 -7.667  -4.276  1.00 31.14 ? 135 HOH A O   1 
HETATM 697 O O   . HOH B 2 .  ? -9.855  9.564   5.022   1.00 23.67 ? 136 HOH A O   1 
HETATM 698 O O   . HOH B 2 .  ? -1.184  13.825  5.880   1.00 19.93 ? 137 HOH A O   1 
HETATM 699 O O   . HOH B 2 .  ? -3.360  -8.295  -6.826  1.00 30.37 ? 138 HOH A O   1 
HETATM 700 O O   . HOH B 2 .  ? -16.329 -7.942  2.761   1.00 18.96 ? 139 HOH A O   1 
HETATM 701 O O   . HOH B 2 .  ? -8.359  8.994   11.196  1.00 38.66 ? 140 HOH A O   1 
HETATM 702 O O   . HOH B 2 .  ? -19.322 -6.664  6.216   1.00 16.95 ? 141 HOH A O   1 
HETATM 703 O O   . HOH B 2 .  ? -1.345  4.936   -12.016 1.00 23.19 ? 142 HOH A O   1 
HETATM 704 O O   . HOH B 2 .  ? -2.238  4.536   11.802  1.00 21.82 ? 143 HOH A O   1 
HETATM 705 O O   . HOH B 2 .  ? -22.440 -5.017  5.473   1.00 18.73 ? 144 HOH A O   1 
HETATM 706 O O   . HOH B 2 .  ? -16.807 4.196   7.803   1.00 26.99 ? 145 HOH A O   1 
HETATM 707 O O   . HOH B 2 .  ? -8.583  7.649   -6.393  1.00 21.60 ? 146 HOH A O   1 
HETATM 708 O O   . HOH B 2 .  ? -13.569 0.754   8.846   1.00 25.10 ? 147 HOH A O   1 
HETATM 709 O O   . HOH B 2 .  ? -12.859 -3.864  -5.186  1.00 24.91 ? 148 HOH A O   1 
HETATM 710 O O   . HOH B 2 .  ? 14.272  3.785   -14.450 1.00 20.60 ? 149 HOH A O   1 
HETATM 711 O O   . HOH B 2 .  ? -4.430  -0.741  13.301  1.00 32.92 ? 150 HOH A O   1 
HETATM 712 O O   . HOH B 2 .  ? 4.285   -9.804  5.937   1.00 24.02 ? 151 HOH A O   1 
HETATM 713 O O   . HOH B 2 .  ? -1.338  2.351   -12.113 1.00 24.03 ? 152 HOH A O   1 
HETATM 714 O O   . HOH B 2 .  ? -12.225 8.652   8.876   1.00 30.35 ? 153 HOH A O   1 
HETATM 715 O O   . HOH B 2 .  ? -0.299  -11.979 -4.225  1.00 25.39 ? 154 HOH A O   1 
HETATM 716 O O   . HOH B 2 .  ? -0.642  -6.870  13.078  1.00 21.35 ? 155 HOH A O   1 
HETATM 717 O O   . HOH B 2 .  ? -12.184 -7.034  6.173   1.00 23.24 ? 156 HOH A O   1 
HETATM 718 O O   . HOH B 2 .  ? 1.943   -6.055  13.498  1.00 21.87 ? 157 HOH A O   1 
HETATM 719 O O   . HOH B 2 .  ? -23.128 -2.049  -3.044  1.00 30.17 ? 158 HOH A O   1 
HETATM 720 O O   . HOH B 2 .  ? -5.555  -3.170  13.398  1.00 26.01 ? 159 HOH A O   1 
HETATM 721 O O   . HOH B 2 .  ? -9.729  -2.873  12.788  1.00 27.57 ? 160 HOH A O   1 
HETATM 722 O O   . HOH B 2 .  ? 18.339  5.600   -5.373  1.00 30.58 ? 161 HOH A O   1 
HETATM 723 O O   . HOH B 2 .  ? -21.614 -3.385  1.949   1.00 38.78 ? 162 HOH A O   1 
HETATM 724 O O   . HOH B 2 .  ? -6.938  -16.743 -1.116  1.00 34.89 ? 163 HOH A O   1 
HETATM 725 O O   . HOH B 2 .  ? 12.353  -4.769  -7.291  1.00 30.05 ? 164 HOH A O   1 
HETATM 726 O O   . HOH B 2 .  ? -0.154  1.245   12.963  1.00 27.80 ? 165 HOH A O   1 
HETATM 727 O O   . HOH B 2 .  ? 5.571   -1.287  -6.673  1.00 25.75 ? 166 HOH A O   1 
HETATM 728 O O   . HOH B 2 .  ? -3.242  0.546   -11.840 1.00 32.03 ? 167 HOH A O   1 
HETATM 729 O O   . HOH B 2 .  ? -10.934 -5.457  -6.169  1.00 28.63 ? 168 HOH A O   1 
HETATM 730 O O   . HOH B 2 .  ? -12.940 0.494   12.850  1.00 33.88 ? 169 HOH A O   1 
HETATM 731 O O   . HOH B 2 .  ? 8.062   10.923  -2.580  1.00 32.30 ? 170 HOH A O   1 
HETATM 732 O O   . HOH B 2 .  ? 5.171   -2.890  -8.803  1.00 30.97 ? 171 HOH A O   1 
HETATM 733 O O   . HOH B 2 .  ? -1.180  -9.770  11.841  1.00 38.93 ? 172 HOH A O   1 
HETATM 734 O O   . HOH B 2 .  ? 0.269   -14.614 3.587   1.00 27.61 ? 173 HOH A O   1 
HETATM 735 O O   . HOH B 2 .  ? 14.688  0.478   -4.670  1.00 26.55 ? 174 HOH A O   1 
HETATM 736 O O   . HOH B 2 .  ? 3.014   0.631   -13.109 1.00 35.58 ? 175 HOH A O   1 
HETATM 737 O O   . HOH B 2 .  ? -17.388 1.162   7.385   1.00 31.71 ? 176 HOH A O   1 
HETATM 738 O O   . HOH B 2 .  ? -12.067 -3.767  11.979  1.00 34.82 ? 177 HOH A O   1 
HETATM 739 O O   . HOH B 2 .  ? -9.966  5.331   10.397  1.00 32.40 ? 178 HOH A O   1 
HETATM 740 O O   . HOH B 2 .  ? -10.099 -10.234 -5.299  1.00 33.69 ? 179 HOH A O   1 
HETATM 741 O O   . HOH B 2 .  ? 20.811  5.459   -4.640  1.00 27.98 ? 180 HOH A O   1 
HETATM 742 O O   . HOH B 2 .  ? -6.516  8.193   -8.139  1.00 36.47 ? 181 HOH A O   1 
HETATM 743 O O   . HOH B 2 .  ? -13.226 -7.546  -0.575  1.00 22.32 ? 182 HOH A O   1 
HETATM 744 O O   . HOH B 2 .  ? 1.358   -2.376  15.201  1.00 29.46 ? 183 HOH A O   1 
HETATM 745 O O   . HOH B 2 .  ? -9.656  7.706   9.082   1.00 20.92 ? 184 HOH A O   1 
# 
loop_
_pdbx_poly_seq_scheme.asym_id 
_pdbx_poly_seq_scheme.entity_id 
_pdbx_poly_seq_scheme.seq_id 
_pdbx_poly_seq_scheme.mon_id 
_pdbx_poly_seq_scheme.ndb_seq_num 
_pdbx_poly_seq_scheme.pdb_seq_num 
_pdbx_poly_seq_scheme.auth_seq_num 
_pdbx_poly_seq_scheme.pdb_mon_id 
_pdbx_poly_seq_scheme.auth_mon_id 
_pdbx_poly_seq_scheme.pdb_strand_id 
_pdbx_poly_seq_scheme.pdb_ins_code 
_pdbx_poly_seq_scheme.hetero 
A 1 1   GLY 1   1   ?  ?   ?   A . n 
A 1 2   SER 2   2   ?  ?   ?   A . n 
A 1 3   ASN 3   3   ?  ?   ?   A . n 
A 1 4   GLY 4   4   ?  ?   ?   A . n 
A 1 5   MET 5   5   ?  ?   ?   A . n 
A 1 6   SER 6   6   ?  ?   ?   A . n 
A 1 7   GLN 7   7   ?  ?   ?   A . n 
A 1 8   LEU 8   8   ?  ?   ?   A . n 
A 1 9   PRO 9   9   ?  ?   ?   A . n 
A 1 10  ALA 10  10  ?  ?   ?   A . n 
A 1 11  PRO 11  11  ?  ?   ?   A . n 
A 1 12  VAL 12  12  ?  ?   ?   A . n 
A 1 13  SER 13  13  ?  ?   ?   A . n 
A 1 14  VAL 14  14  ?  ?   ?   A . n 
A 1 15  GLU 15  15  15 GLU GLU A . n 
A 1 16  SER 16  16  16 SER SER A . n 
A 1 17  SER 17  17  17 SER SER A . n 
A 1 18  TRP 18  18  18 TRP TRP A . n 
A 1 19  ARG 19  19  19 ARG ARG A . n 
A 1 20  TYR 20  20  20 TYR TYR A . n 
A 1 21  ILE 21  21  21 ILE ILE A . n 
A 1 22  ASP 22  22  22 ASP ASP A . n 
A 1 23  THR 23  23  23 THR THR A . n 
A 1 24  GLN 24  24  24 GLN GLN A . n 
A 1 25  GLY 25  25  25 GLY GLY A . n 
A 1 26  GLN 26  26  26 GLN GLN A . n 
A 1 27  ILE 27  27  27 ILE ILE A . n 
A 1 28  HIS 28  28  28 HIS HIS A . n 
A 1 29  GLY 29  29  29 GLY GLY A . n 
A 1 30  PRO 30  30  30 PRO PRO A . n 
A 1 31  PHE 31  31  31 PHE PHE A . n 
A 1 32  THR 32  32  32 THR THR A . n 
A 1 33  THR 33  33  33 THR THR A . n 
A 1 34  GLN 34  34  34 GLN GLN A . n 
A 1 35  MET 35  35  35 MET MET A . n 
A 1 36  MET 36  36  36 MET MET A . n 
A 1 37  SER 37  37  37 SER SER A . n 
A 1 38  GLN 38  38  38 GLN GLN A . n 
A 1 39  TRP 39  39  39 TRP TRP A . n 
A 1 40  TYR 40  40  40 TYR TYR A . n 
A 1 41  ILE 41  41  41 ILE ILE A . n 
A 1 42  GLY 42  42  42 GLY GLY A . n 
A 1 43  GLY 43  43  43 GLY GLY A . n 
A 1 44  TYR 44  44  44 TYR TYR A . n 
A 1 45  PHE 45  45  45 PHE PHE A . n 
A 1 46  ALA 46  46  46 ALA ALA A . n 
A 1 47  SER 47  47  47 SER SER A . n 
A 1 48  THR 48  48  48 THR THR A . n 
A 1 49  LEU 49  49  49 LEU LEU A . n 
A 1 50  GLN 50  50  50 GLN GLN A . n 
A 1 51  ILE 51  51  51 ILE ILE A . n 
A 1 52  SER 52  52  52 SER SER A . n 
A 1 53  ARG 53  53  53 ARG ARG A . n 
A 1 54  LEU 54  54  54 LEU LEU A . n 
A 1 55  GLY 55  55  55 GLY GLY A . n 
A 1 56  SER 56  56  56 SER SER A . n 
A 1 57  THR 57  57  57 THR THR A . n 
A 1 58  PRO 58  58  58 PRO PRO A . n 
A 1 59  GLU 59  59  59 GLU GLU A . n 
A 1 60  THR 60  60  60 THR THR A . n 
A 1 61  LEU 61  61  61 LEU LEU A . n 
A 1 62  GLY 62  62  62 GLY GLY A . n 
A 1 63  ILE 63  63  63 ILE ILE A . n 
A 1 64  ASN 64  64  64 ASN ASN A . n 
A 1 65  ASP 65  65  65 ASP ASP A . n 
A 1 66  ILE 66  66  66 ILE ILE A . n 
A 1 67  PHE 67  67  67 PHE PHE A . n 
A 1 68  ILE 68  68  68 ILE ILE A . n 
A 1 69  THR 69  69  69 THR THR A . n 
A 1 70  LEU 70  70  70 LEU LEU A . n 
A 1 71  GLY 71  71  71 GLY GLY A . n 
A 1 72  GLU 72  72  72 GLU GLU A . n 
A 1 73  LEU 73  73  73 LEU LEU A . n 
A 1 74  MET 74  74  74 MET MET A . n 
A 1 75  THR 75  75  75 THR THR A . n 
A 1 76  LYS 76  76  76 LYS LYS A . n 
A 1 77  LEU 77  77  77 LEU LEU A . n 
A 1 78  GLU 78  78  78 GLU GLU A . n 
A 1 79  LYS 79  79  79 LYS LYS A . n 
A 1 80  TYR 80  80  80 TYR TYR A . n 
A 1 81  ASP 81  81  81 ASP ASP A . n 
A 1 82  THR 82  82  82 THR THR A . n 
A 1 83  ASP 83  83  83 ASP ASP A . n 
A 1 84  PRO 84  84  84 PRO PRO A . n 
A 1 85  PHE 85  85  85 PHE PHE A . n 
A 1 86  THR 86  86  86 THR THR A . n 
A 1 87  THR 87  87  87 THR THR A . n 
A 1 88  PHE 88  88  88 PHE PHE A . n 
A 1 89  ASP 89  89  89 ASP ASP A . n 
A 1 90  LYS 90  90  90 LYS LYS A . n 
A 1 91  LEU 91  91  91 LEU LEU A . n 
A 1 92  HIS 92  92  92 HIS HIS A . n 
A 1 93  VAL 93  93  93 VAL VAL A . n 
A 1 94  GLN 94  94  ?  ?   ?   A . n 
A 1 95  THR 95  95  ?  ?   ?   A . n 
A 1 96  THR 96  96  ?  ?   ?   A . n 
A 1 97  SER 97  97  ?  ?   ?   A . n 
A 1 98  SER 98  98  ?  ?   ?   A . n 
A 1 99  ASP 99  99  ?  ?   ?   A . n 
A 1 100 SER 100 100 ?  ?   ?   A . n 
# 
loop_
_pdbx_nonpoly_scheme.asym_id 
_pdbx_nonpoly_scheme.entity_id 
_pdbx_nonpoly_scheme.mon_id 
_pdbx_nonpoly_scheme.ndb_seq_num 
_pdbx_nonpoly_scheme.pdb_seq_num 
_pdbx_nonpoly_scheme.auth_seq_num 
_pdbx_nonpoly_scheme.pdb_mon_id 
_pdbx_nonpoly_scheme.auth_mon_id 
_pdbx_nonpoly_scheme.pdb_strand_id 
_pdbx_nonpoly_scheme.pdb_ins_code 
B 2 HOH 1  101 1  HOH HOH A . 
B 2 HOH 2  102 2  HOH HOH A . 
B 2 HOH 3  103 3  HOH HOH A . 
B 2 HOH 4  104 4  HOH HOH A . 
B 2 HOH 5  105 5  HOH HOH A . 
B 2 HOH 6  106 6  HOH HOH A . 
B 2 HOH 7  107 7  HOH HOH A . 
B 2 HOH 8  108 8  HOH HOH A . 
B 2 HOH 9  109 9  HOH HOH A . 
B 2 HOH 10 110 10 HOH HOH A . 
B 2 HOH 11 111 11 HOH HOH A . 
B 2 HOH 12 112 12 HOH HOH A . 
B 2 HOH 13 113 13 HOH HOH A . 
B 2 HOH 14 114 14 HOH HOH A . 
B 2 HOH 15 115 15 HOH HOH A . 
B 2 HOH 16 116 16 HOH HOH A . 
B 2 HOH 17 117 17 HOH HOH A . 
B 2 HOH 18 118 18 HOH HOH A . 
B 2 HOH 19 119 19 HOH HOH A . 
B 2 HOH 20 120 20 HOH HOH A . 
B 2 HOH 21 121 21 HOH HOH A . 
B 2 HOH 22 122 22 HOH HOH A . 
B 2 HOH 23 123 23 HOH HOH A . 
B 2 HOH 24 124 24 HOH HOH A . 
B 2 HOH 25 125 25 HOH HOH A . 
B 2 HOH 26 126 26 HOH HOH A . 
B 2 HOH 27 127 27 HOH HOH A . 
B 2 HOH 28 128 28 HOH HOH A . 
B 2 HOH 29 129 29 HOH HOH A . 
B 2 HOH 30 130 30 HOH HOH A . 
B 2 HOH 31 131 31 HOH HOH A . 
B 2 HOH 32 132 32 HOH HOH A . 
B 2 HOH 33 133 33 HOH HOH A . 
B 2 HOH 34 134 34 HOH HOH A . 
B 2 HOH 35 135 35 HOH HOH A . 
B 2 HOH 36 136 36 HOH HOH A . 
B 2 HOH 37 137 37 HOH HOH A . 
B 2 HOH 38 138 38 HOH HOH A . 
B 2 HOH 39 139 39 HOH HOH A . 
B 2 HOH 40 140 40 HOH HOH A . 
B 2 HOH 41 141 41 HOH HOH A . 
B 2 HOH 42 142 42 HOH HOH A . 
B 2 HOH 43 143 43 HOH HOH A . 
B 2 HOH 44 144 44 HOH HOH A . 
B 2 HOH 45 145 45 HOH HOH A . 
B 2 HOH 46 146 46 HOH HOH A . 
B 2 HOH 47 147 47 HOH HOH A . 
B 2 HOH 48 148 48 HOH HOH A . 
B 2 HOH 49 149 49 HOH HOH A . 
B 2 HOH 50 150 50 HOH HOH A . 
B 2 HOH 51 151 51 HOH HOH A . 
B 2 HOH 52 152 52 HOH HOH A . 
B 2 HOH 53 153 53 HOH HOH A . 
B 2 HOH 54 154 54 HOH HOH A . 
B 2 HOH 55 155 55 HOH HOH A . 
B 2 HOH 56 156 56 HOH HOH A . 
B 2 HOH 57 157 57 HOH HOH A . 
B 2 HOH 58 158 58 HOH HOH A . 
B 2 HOH 59 159 59 HOH HOH A . 
B 2 HOH 60 160 60 HOH HOH A . 
B 2 HOH 61 161 61 HOH HOH A . 
B 2 HOH 62 162 62 HOH HOH A . 
B 2 HOH 63 163 63 HOH HOH A . 
B 2 HOH 64 164 64 HOH HOH A . 
B 2 HOH 65 165 65 HOH HOH A . 
B 2 HOH 66 166 66 HOH HOH A . 
B 2 HOH 67 167 67 HOH HOH A . 
B 2 HOH 68 168 68 HOH HOH A . 
B 2 HOH 69 169 69 HOH HOH A . 
B 2 HOH 70 170 70 HOH HOH A . 
B 2 HOH 71 171 71 HOH HOH A . 
B 2 HOH 72 172 72 HOH HOH A . 
B 2 HOH 73 173 73 HOH HOH A . 
B 2 HOH 74 174 74 HOH HOH A . 
B 2 HOH 75 175 75 HOH HOH A . 
B 2 HOH 76 176 76 HOH HOH A . 
B 2 HOH 77 177 77 HOH HOH A . 
B 2 HOH 78 178 78 HOH HOH A . 
B 2 HOH 79 179 79 HOH HOH A . 
B 2 HOH 80 180 80 HOH HOH A . 
B 2 HOH 81 181 81 HOH HOH A . 
B 2 HOH 82 182 82 HOH HOH A . 
B 2 HOH 83 183 83 HOH HOH A . 
B 2 HOH 84 184 84 HOH HOH A . 
# 
loop_
_pdbx_struct_assembly.id 
_pdbx_struct_assembly.details 
_pdbx_struct_assembly.method_details 
_pdbx_struct_assembly.oligomeric_details 
_pdbx_struct_assembly.oligomeric_count 
1 author_defined_assembly   ?    monomeric 1 
2 software_defined_assembly PISA dimeric   2 
# 
loop_
_pdbx_struct_assembly_gen.assembly_id 
_pdbx_struct_assembly_gen.oper_expression 
_pdbx_struct_assembly_gen.asym_id_list 
1 1   A,B 
2 1,2 A,B 
# 
loop_
_pdbx_struct_assembly_prop.biol_id 
_pdbx_struct_assembly_prop.type 
_pdbx_struct_assembly_prop.value 
_pdbx_struct_assembly_prop.details 
2 'ABSA (A^2)' 2570 ? 
2 MORE         -27  ? 
2 'SSA (A^2)'  9000 ? 
# 
loop_
_pdbx_struct_oper_list.id 
_pdbx_struct_oper_list.type 
_pdbx_struct_oper_list.name 
_pdbx_struct_oper_list.symmetry_operation 
_pdbx_struct_oper_list.matrix[1][1] 
_pdbx_struct_oper_list.matrix[1][2] 
_pdbx_struct_oper_list.matrix[1][3] 
_pdbx_struct_oper_list.vector[1] 
_pdbx_struct_oper_list.matrix[2][1] 
_pdbx_struct_oper_list.matrix[2][2] 
_pdbx_struct_oper_list.matrix[2][3] 
_pdbx_struct_oper_list.vector[2] 
_pdbx_struct_oper_list.matrix[3][1] 
_pdbx_struct_oper_list.matrix[3][2] 
_pdbx_struct_oper_list.matrix[3][3] 
_pdbx_struct_oper_list.vector[3] 
1 'identity operation'         1_555  x,y,z          1.0000000000  0.0000000000 0.0000000000 0.0000000000  0.0000000000 1.0000000000  0.0000000000 0.0000000000  0.0000000000 0.0000000000 1.0000000000 0.0000000000   
2 'crystal symmetry operation' 12_564 x,x-y+1,-z-1/6 -0.5648006201 0.3061217317 0.7663483183 22.3151001905 0.3061217317 -0.7846722239 0.5390537880 -4.8946542011 0.7663483183 0.5390537880 0.3494728440 -10.7172646555 
# 
loop_
_pdbx_audit_revision_history.ordinal 
_pdbx_audit_revision_history.data_content_type 
_pdbx_audit_revision_history.major_revision 
_pdbx_audit_revision_history.minor_revision 
_pdbx_audit_revision_history.revision_date 
1 'Structure model' 1 0 2010-05-19 
2 'Structure model' 1 1 2011-07-13 
3 'Structure model' 1 2 2023-11-01 
# 
_pdbx_audit_revision_details.ordinal             1 
_pdbx_audit_revision_details.revision_ordinal    1 
_pdbx_audit_revision_details.data_content_type   'Structure model' 
_pdbx_audit_revision_details.provider            repository 
_pdbx_audit_revision_details.type                'Initial release' 
_pdbx_audit_revision_details.description         ? 
_pdbx_audit_revision_details.details             ? 
# 
loop_
_pdbx_audit_revision_group.ordinal 
_pdbx_audit_revision_group.revision_ordinal 
_pdbx_audit_revision_group.data_content_type 
_pdbx_audit_revision_group.group 
1 2 'Structure model' Advisory                    
2 2 'Structure model' 'Version format compliance' 
3 3 'Structure model' 'Data collection'           
4 3 'Structure model' 'Database references'       
5 3 'Structure model' 'Refinement description'    
# 
loop_
_pdbx_audit_revision_category.ordinal 
_pdbx_audit_revision_category.revision_ordinal 
_pdbx_audit_revision_category.data_content_type 
_pdbx_audit_revision_category.category 
1 3 'Structure model' chem_comp_atom                
2 3 'Structure model' chem_comp_bond                
3 3 'Structure model' database_2                    
4 3 'Structure model' pdbx_initial_refinement_model 
5 3 'Structure model' struct_ref_seq_dif            
# 
loop_
_pdbx_audit_revision_item.ordinal 
_pdbx_audit_revision_item.revision_ordinal 
_pdbx_audit_revision_item.data_content_type 
_pdbx_audit_revision_item.item 
1 3 'Structure model' '_database_2.pdbx_DOI'                
2 3 'Structure model' '_database_2.pdbx_database_accession' 
3 3 'Structure model' '_struct_ref_seq_dif.details'         
# 
loop_
_pdbx_refine_tls.pdbx_refine_id 
_pdbx_refine_tls.id 
_pdbx_refine_tls.details 
_pdbx_refine_tls.method 
_pdbx_refine_tls.origin_x 
_pdbx_refine_tls.origin_y 
_pdbx_refine_tls.origin_z 
_pdbx_refine_tls.T[1][1] 
_pdbx_refine_tls.T[2][2] 
_pdbx_refine_tls.T[3][3] 
_pdbx_refine_tls.T[1][2] 
_pdbx_refine_tls.T[1][3] 
_pdbx_refine_tls.T[2][3] 
_pdbx_refine_tls.L[1][1] 
_pdbx_refine_tls.L[2][2] 
_pdbx_refine_tls.L[3][3] 
_pdbx_refine_tls.L[1][2] 
_pdbx_refine_tls.L[1][3] 
_pdbx_refine_tls.L[2][3] 
_pdbx_refine_tls.S[1][1] 
_pdbx_refine_tls.S[2][2] 
_pdbx_refine_tls.S[3][3] 
_pdbx_refine_tls.S[1][2] 
_pdbx_refine_tls.S[1][3] 
_pdbx_refine_tls.S[2][3] 
_pdbx_refine_tls.S[2][1] 
_pdbx_refine_tls.S[3][1] 
_pdbx_refine_tls.S[3][2] 
'X-RAY DIFFRACTION' 1 ? refined -4.4859 -0.3554 1.7475  0.0966 0.1106 0.1205 0.0104 0.0228 -0.0103 2.2396 1.6996 0.5012 -0.2261 0.0927  -0.3176 -0.0554 0.0023  0.0533  0.0748  -0.1249 -0.0397 0.0677 0.0142  0.0077  
'X-RAY DIFFRACTION' 2 ? refined 17.6086 -0.1106 -6.1033 0.1391 0.1200 0.1119 0.0483 0.0699 0.0072  7.1478 3.5070 3.1930 -0.6791 -1.0712 0.3792  0.0943  -0.0185 -0.0759 -0.1841 0.1827  0.2134  0.4526 -0.0786 -0.2482 
# 
loop_
_pdbx_refine_tls_group.pdbx_refine_id 
_pdbx_refine_tls_group.id 
_pdbx_refine_tls_group.refine_tls_id 
_pdbx_refine_tls_group.beg_auth_asym_id 
_pdbx_refine_tls_group.beg_auth_seq_id 
_pdbx_refine_tls_group.end_auth_asym_id 
_pdbx_refine_tls_group.end_auth_seq_id 
_pdbx_refine_tls_group.selection_details 
_pdbx_refine_tls_group.beg_label_asym_id 
_pdbx_refine_tls_group.beg_label_seq_id 
_pdbx_refine_tls_group.end_label_asym_id 
_pdbx_refine_tls_group.end_label_seq_id 
_pdbx_refine_tls_group.selection 
'X-RAY DIFFRACTION' 1 1 A 15 A 77 ? . . . . ? 
'X-RAY DIFFRACTION' 2 2 A 78 A 93 ? . . . . ? 
# 
loop_
_software.pdbx_ordinal 
_software.name 
_software.version 
_software.date 
_software.type 
_software.contact_author 
_software.contact_author_email 
_software.classification 
_software.location 
_software.language 
_software.citation_id 
1 SCALA       3.2.25   21/9/2006       other   'Phil R. Evans'      pre@mrc-lmb.cam.ac.uk 'data scaling'    
http://www.ccp4.ac.uk/dist/html/scala.html   Fortran_77 ? 
2 REFMAC      5.5.0063 ?               program 'Garib N. Murshudov' garib@ysbl.york.ac.uk refinement        
http://www.ccp4.ac.uk/dist/html/refmac5.html Fortran_77 ? 
3 PDB_EXTRACT 3.005    'June 11, 2008' package PDB                  help@deposit.rcsb.org 'data extraction' 
http://sw-tools.pdb.org/apps/PDB_EXTRACT/    C++        ? 
4 MOSFLM      .        ?               ?       ?                    ?                     'data reduction'  ? ?          ? 
# 
loop_
_pdbx_unobs_or_zero_occ_residues.id 
_pdbx_unobs_or_zero_occ_residues.PDB_model_num 
_pdbx_unobs_or_zero_occ_residues.polymer_flag 
_pdbx_unobs_or_zero_occ_residues.occupancy_flag 
_pdbx_unobs_or_zero_occ_residues.auth_asym_id 
_pdbx_unobs_or_zero_occ_residues.auth_comp_id 
_pdbx_unobs_or_zero_occ_residues.auth_seq_id 
_pdbx_unobs_or_zero_occ_residues.PDB_ins_code 
_pdbx_unobs_or_zero_occ_residues.label_asym_id 
_pdbx_unobs_or_zero_occ_residues.label_comp_id 
_pdbx_unobs_or_zero_occ_residues.label_seq_id 
1  1 Y 1 A GLY 1   ? A GLY 1   
2  1 Y 1 A SER 2   ? A SER 2   
3  1 Y 1 A ASN 3   ? A ASN 3   
4  1 Y 1 A GLY 4   ? A GLY 4   
5  1 Y 1 A MET 5   ? A MET 5   
6  1 Y 1 A SER 6   ? A SER 6   
7  1 Y 1 A GLN 7   ? A GLN 7   
8  1 Y 1 A LEU 8   ? A LEU 8   
9  1 Y 1 A PRO 9   ? A PRO 9   
10 1 Y 1 A ALA 10  ? A ALA 10  
11 1 Y 1 A PRO 11  ? A PRO 11  
12 1 Y 1 A VAL 12  ? A VAL 12  
13 1 Y 1 A SER 13  ? A SER 13  
14 1 Y 1 A VAL 14  ? A VAL 14  
15 1 Y 1 A GLN 94  ? A GLN 94  
16 1 Y 1 A THR 95  ? A THR 95  
17 1 Y 1 A THR 96  ? A THR 96  
18 1 Y 1 A SER 97  ? A SER 97  
19 1 Y 1 A SER 98  ? A SER 98  
20 1 Y 1 A ASP 99  ? A ASP 99  
21 1 Y 1 A SER 100 ? A SER 100 
# 
loop_
_chem_comp_atom.comp_id 
_chem_comp_atom.atom_id 
_chem_comp_atom.type_symbol 
_chem_comp_atom.pdbx_aromatic_flag 
_chem_comp_atom.pdbx_stereo_config 
_chem_comp_atom.pdbx_ordinal 
ALA N    N N N 1   
ALA CA   C N S 2   
ALA C    C N N 3   
ALA O    O N N 4   
ALA CB   C N N 5   
ALA OXT  O N N 6   
ALA H    H N N 7   
ALA H2   H N N 8   
ALA HA   H N N 9   
ALA HB1  H N N 10  
ALA HB2  H N N 11  
ALA HB3  H N N 12  
ALA HXT  H N N 13  
ARG N    N N N 14  
ARG CA   C N S 15  
ARG C    C N N 16  
ARG O    O N N 17  
ARG CB   C N N 18  
ARG CG   C N N 19  
ARG CD   C N N 20  
ARG NE   N N N 21  
ARG CZ   C N N 22  
ARG NH1  N N N 23  
ARG NH2  N N N 24  
ARG OXT  O N N 25  
ARG H    H N N 26  
ARG H2   H N N 27  
ARG HA   H N N 28  
ARG HB2  H N N 29  
ARG HB3  H N N 30  
ARG HG2  H N N 31  
ARG HG3  H N N 32  
ARG HD2  H N N 33  
ARG HD3  H N N 34  
ARG HE   H N N 35  
ARG HH11 H N N 36  
ARG HH12 H N N 37  
ARG HH21 H N N 38  
ARG HH22 H N N 39  
ARG HXT  H N N 40  
ASN N    N N N 41  
ASN CA   C N S 42  
ASN C    C N N 43  
ASN O    O N N 44  
ASN CB   C N N 45  
ASN CG   C N N 46  
ASN OD1  O N N 47  
ASN ND2  N N N 48  
ASN OXT  O N N 49  
ASN H    H N N 50  
ASN H2   H N N 51  
ASN HA   H N N 52  
ASN HB2  H N N 53  
ASN HB3  H N N 54  
ASN HD21 H N N 55  
ASN HD22 H N N 56  
ASN HXT  H N N 57  
ASP N    N N N 58  
ASP CA   C N S 59  
ASP C    C N N 60  
ASP O    O N N 61  
ASP CB   C N N 62  
ASP CG   C N N 63  
ASP OD1  O N N 64  
ASP OD2  O N N 65  
ASP OXT  O N N 66  
ASP H    H N N 67  
ASP H2   H N N 68  
ASP HA   H N N 69  
ASP HB2  H N N 70  
ASP HB3  H N N 71  
ASP HD2  H N N 72  
ASP HXT  H N N 73  
GLN N    N N N 74  
GLN CA   C N S 75  
GLN C    C N N 76  
GLN O    O N N 77  
GLN CB   C N N 78  
GLN CG   C N N 79  
GLN CD   C N N 80  
GLN OE1  O N N 81  
GLN NE2  N N N 82  
GLN OXT  O N N 83  
GLN H    H N N 84  
GLN H2   H N N 85  
GLN HA   H N N 86  
GLN HB2  H N N 87  
GLN HB3  H N N 88  
GLN HG2  H N N 89  
GLN HG3  H N N 90  
GLN HE21 H N N 91  
GLN HE22 H N N 92  
GLN HXT  H N N 93  
GLU N    N N N 94  
GLU CA   C N S 95  
GLU C    C N N 96  
GLU O    O N N 97  
GLU CB   C N N 98  
GLU CG   C N N 99  
GLU CD   C N N 100 
GLU OE1  O N N 101 
GLU OE2  O N N 102 
GLU OXT  O N N 103 
GLU H    H N N 104 
GLU H2   H N N 105 
GLU HA   H N N 106 
GLU HB2  H N N 107 
GLU HB3  H N N 108 
GLU HG2  H N N 109 
GLU HG3  H N N 110 
GLU HE2  H N N 111 
GLU HXT  H N N 112 
GLY N    N N N 113 
GLY CA   C N N 114 
GLY C    C N N 115 
GLY O    O N N 116 
GLY OXT  O N N 117 
GLY H    H N N 118 
GLY H2   H N N 119 
GLY HA2  H N N 120 
GLY HA3  H N N 121 
GLY HXT  H N N 122 
HIS N    N N N 123 
HIS CA   C N S 124 
HIS C    C N N 125 
HIS O    O N N 126 
HIS CB   C N N 127 
HIS CG   C Y N 128 
HIS ND1  N Y N 129 
HIS CD2  C Y N 130 
HIS CE1  C Y N 131 
HIS NE2  N Y N 132 
HIS OXT  O N N 133 
HIS H    H N N 134 
HIS H2   H N N 135 
HIS HA   H N N 136 
HIS HB2  H N N 137 
HIS HB3  H N N 138 
HIS HD1  H N N 139 
HIS HD2  H N N 140 
HIS HE1  H N N 141 
HIS HE2  H N N 142 
HIS HXT  H N N 143 
HOH O    O N N 144 
HOH H1   H N N 145 
HOH H2   H N N 146 
ILE N    N N N 147 
ILE CA   C N S 148 
ILE C    C N N 149 
ILE O    O N N 150 
ILE CB   C N S 151 
ILE CG1  C N N 152 
ILE CG2  C N N 153 
ILE CD1  C N N 154 
ILE OXT  O N N 155 
ILE H    H N N 156 
ILE H2   H N N 157 
ILE HA   H N N 158 
ILE HB   H N N 159 
ILE HG12 H N N 160 
ILE HG13 H N N 161 
ILE HG21 H N N 162 
ILE HG22 H N N 163 
ILE HG23 H N N 164 
ILE HD11 H N N 165 
ILE HD12 H N N 166 
ILE HD13 H N N 167 
ILE HXT  H N N 168 
LEU N    N N N 169 
LEU CA   C N S 170 
LEU C    C N N 171 
LEU O    O N N 172 
LEU CB   C N N 173 
LEU CG   C N N 174 
LEU CD1  C N N 175 
LEU CD2  C N N 176 
LEU OXT  O N N 177 
LEU H    H N N 178 
LEU H2   H N N 179 
LEU HA   H N N 180 
LEU HB2  H N N 181 
LEU HB3  H N N 182 
LEU HG   H N N 183 
LEU HD11 H N N 184 
LEU HD12 H N N 185 
LEU HD13 H N N 186 
LEU HD21 H N N 187 
LEU HD22 H N N 188 
LEU HD23 H N N 189 
LEU HXT  H N N 190 
LYS N    N N N 191 
LYS CA   C N S 192 
LYS C    C N N 193 
LYS O    O N N 194 
LYS CB   C N N 195 
LYS CG   C N N 196 
LYS CD   C N N 197 
LYS CE   C N N 198 
LYS NZ   N N N 199 
LYS OXT  O N N 200 
LYS H    H N N 201 
LYS H2   H N N 202 
LYS HA   H N N 203 
LYS HB2  H N N 204 
LYS HB3  H N N 205 
LYS HG2  H N N 206 
LYS HG3  H N N 207 
LYS HD2  H N N 208 
LYS HD3  H N N 209 
LYS HE2  H N N 210 
LYS HE3  H N N 211 
LYS HZ1  H N N 212 
LYS HZ2  H N N 213 
LYS HZ3  H N N 214 
LYS HXT  H N N 215 
MET N    N N N 216 
MET CA   C N S 217 
MET C    C N N 218 
MET O    O N N 219 
MET CB   C N N 220 
MET CG   C N N 221 
MET SD   S N N 222 
MET CE   C N N 223 
MET OXT  O N N 224 
MET H    H N N 225 
MET H2   H N N 226 
MET HA   H N N 227 
MET HB2  H N N 228 
MET HB3  H N N 229 
MET HG2  H N N 230 
MET HG3  H N N 231 
MET HE1  H N N 232 
MET HE2  H N N 233 
MET HE3  H N N 234 
MET HXT  H N N 235 
PHE N    N N N 236 
PHE CA   C N S 237 
PHE C    C N N 238 
PHE O    O N N 239 
PHE CB   C N N 240 
PHE CG   C Y N 241 
PHE CD1  C Y N 242 
PHE CD2  C Y N 243 
PHE CE1  C Y N 244 
PHE CE2  C Y N 245 
PHE CZ   C Y N 246 
PHE OXT  O N N 247 
PHE H    H N N 248 
PHE H2   H N N 249 
PHE HA   H N N 250 
PHE HB2  H N N 251 
PHE HB3  H N N 252 
PHE HD1  H N N 253 
PHE HD2  H N N 254 
PHE HE1  H N N 255 
PHE HE2  H N N 256 
PHE HZ   H N N 257 
PHE HXT  H N N 258 
PRO N    N N N 259 
PRO CA   C N S 260 
PRO C    C N N 261 
PRO O    O N N 262 
PRO CB   C N N 263 
PRO CG   C N N 264 
PRO CD   C N N 265 
PRO OXT  O N N 266 
PRO H    H N N 267 
PRO HA   H N N 268 
PRO HB2  H N N 269 
PRO HB3  H N N 270 
PRO HG2  H N N 271 
PRO HG3  H N N 272 
PRO HD2  H N N 273 
PRO HD3  H N N 274 
PRO HXT  H N N 275 
SER N    N N N 276 
SER CA   C N S 277 
SER C    C N N 278 
SER O    O N N 279 
SER CB   C N N 280 
SER OG   O N N 281 
SER OXT  O N N 282 
SER H    H N N 283 
SER H2   H N N 284 
SER HA   H N N 285 
SER HB2  H N N 286 
SER HB3  H N N 287 
SER HG   H N N 288 
SER HXT  H N N 289 
THR N    N N N 290 
THR CA   C N S 291 
THR C    C N N 292 
THR O    O N N 293 
THR CB   C N R 294 
THR OG1  O N N 295 
THR CG2  C N N 296 
THR OXT  O N N 297 
THR H    H N N 298 
THR H2   H N N 299 
THR HA   H N N 300 
THR HB   H N N 301 
THR HG1  H N N 302 
THR HG21 H N N 303 
THR HG22 H N N 304 
THR HG23 H N N 305 
THR HXT  H N N 306 
TRP N    N N N 307 
TRP CA   C N S 308 
TRP C    C N N 309 
TRP O    O N N 310 
TRP CB   C N N 311 
TRP CG   C Y N 312 
TRP CD1  C Y N 313 
TRP CD2  C Y N 314 
TRP NE1  N Y N 315 
TRP CE2  C Y N 316 
TRP CE3  C Y N 317 
TRP CZ2  C Y N 318 
TRP CZ3  C Y N 319 
TRP CH2  C Y N 320 
TRP OXT  O N N 321 
TRP H    H N N 322 
TRP H2   H N N 323 
TRP HA   H N N 324 
TRP HB2  H N N 325 
TRP HB3  H N N 326 
TRP HD1  H N N 327 
TRP HE1  H N N 328 
TRP HE3  H N N 329 
TRP HZ2  H N N 330 
TRP HZ3  H N N 331 
TRP HH2  H N N 332 
TRP HXT  H N N 333 
TYR N    N N N 334 
TYR CA   C N S 335 
TYR C    C N N 336 
TYR O    O N N 337 
TYR CB   C N N 338 
TYR CG   C Y N 339 
TYR CD1  C Y N 340 
TYR CD2  C Y N 341 
TYR CE1  C Y N 342 
TYR CE2  C Y N 343 
TYR CZ   C Y N 344 
TYR OH   O N N 345 
TYR OXT  O N N 346 
TYR H    H N N 347 
TYR H2   H N N 348 
TYR HA   H N N 349 
TYR HB2  H N N 350 
TYR HB3  H N N 351 
TYR HD1  H N N 352 
TYR HD2  H N N 353 
TYR HE1  H N N 354 
TYR HE2  H N N 355 
TYR HH   H N N 356 
TYR HXT  H N N 357 
VAL N    N N N 358 
VAL CA   C N S 359 
VAL C    C N N 360 
VAL O    O N N 361 
VAL CB   C N N 362 
VAL CG1  C N N 363 
VAL CG2  C N N 364 
VAL OXT  O N N 365 
VAL H    H N N 366 
VAL H2   H N N 367 
VAL HA   H N N 368 
VAL HB   H N N 369 
VAL HG11 H N N 370 
VAL HG12 H N N 371 
VAL HG13 H N N 372 
VAL HG21 H N N 373 
VAL HG22 H N N 374 
VAL HG23 H N N 375 
VAL HXT  H N N 376 
# 
loop_
_chem_comp_bond.comp_id 
_chem_comp_bond.atom_id_1 
_chem_comp_bond.atom_id_2 
_chem_comp_bond.value_order 
_chem_comp_bond.pdbx_aromatic_flag 
_chem_comp_bond.pdbx_stereo_config 
_chem_comp_bond.pdbx_ordinal 
ALA N   CA   sing N N 1   
ALA N   H    sing N N 2   
ALA N   H2   sing N N 3   
ALA CA  C    sing N N 4   
ALA CA  CB   sing N N 5   
ALA CA  HA   sing N N 6   
ALA C   O    doub N N 7   
ALA C   OXT  sing N N 8   
ALA CB  HB1  sing N N 9   
ALA CB  HB2  sing N N 10  
ALA CB  HB3  sing N N 11  
ALA OXT HXT  sing N N 12  
ARG N   CA   sing N N 13  
ARG N   H    sing N N 14  
ARG N   H2   sing N N 15  
ARG CA  C    sing N N 16  
ARG CA  CB   sing N N 17  
ARG CA  HA   sing N N 18  
ARG C   O    doub N N 19  
ARG C   OXT  sing N N 20  
ARG CB  CG   sing N N 21  
ARG CB  HB2  sing N N 22  
ARG CB  HB3  sing N N 23  
ARG CG  CD   sing N N 24  
ARG CG  HG2  sing N N 25  
ARG CG  HG3  sing N N 26  
ARG CD  NE   sing N N 27  
ARG CD  HD2  sing N N 28  
ARG CD  HD3  sing N N 29  
ARG NE  CZ   sing N N 30  
ARG NE  HE   sing N N 31  
ARG CZ  NH1  sing N N 32  
ARG CZ  NH2  doub N N 33  
ARG NH1 HH11 sing N N 34  
ARG NH1 HH12 sing N N 35  
ARG NH2 HH21 sing N N 36  
ARG NH2 HH22 sing N N 37  
ARG OXT HXT  sing N N 38  
ASN N   CA   sing N N 39  
ASN N   H    sing N N 40  
ASN N   H2   sing N N 41  
ASN CA  C    sing N N 42  
ASN CA  CB   sing N N 43  
ASN CA  HA   sing N N 44  
ASN C   O    doub N N 45  
ASN C   OXT  sing N N 46  
ASN CB  CG   sing N N 47  
ASN CB  HB2  sing N N 48  
ASN CB  HB3  sing N N 49  
ASN CG  OD1  doub N N 50  
ASN CG  ND2  sing N N 51  
ASN ND2 HD21 sing N N 52  
ASN ND2 HD22 sing N N 53  
ASN OXT HXT  sing N N 54  
ASP N   CA   sing N N 55  
ASP N   H    sing N N 56  
ASP N   H2   sing N N 57  
ASP CA  C    sing N N 58  
ASP CA  CB   sing N N 59  
ASP CA  HA   sing N N 60  
ASP C   O    doub N N 61  
ASP C   OXT  sing N N 62  
ASP CB  CG   sing N N 63  
ASP CB  HB2  sing N N 64  
ASP CB  HB3  sing N N 65  
ASP CG  OD1  doub N N 66  
ASP CG  OD2  sing N N 67  
ASP OD2 HD2  sing N N 68  
ASP OXT HXT  sing N N 69  
GLN N   CA   sing N N 70  
GLN N   H    sing N N 71  
GLN N   H2   sing N N 72  
GLN CA  C    sing N N 73  
GLN CA  CB   sing N N 74  
GLN CA  HA   sing N N 75  
GLN C   O    doub N N 76  
GLN C   OXT  sing N N 77  
GLN CB  CG   sing N N 78  
GLN CB  HB2  sing N N 79  
GLN CB  HB3  sing N N 80  
GLN CG  CD   sing N N 81  
GLN CG  HG2  sing N N 82  
GLN CG  HG3  sing N N 83  
GLN CD  OE1  doub N N 84  
GLN CD  NE2  sing N N 85  
GLN NE2 HE21 sing N N 86  
GLN NE2 HE22 sing N N 87  
GLN OXT HXT  sing N N 88  
GLU N   CA   sing N N 89  
GLU N   H    sing N N 90  
GLU N   H2   sing N N 91  
GLU CA  C    sing N N 92  
GLU CA  CB   sing N N 93  
GLU CA  HA   sing N N 94  
GLU C   O    doub N N 95  
GLU C   OXT  sing N N 96  
GLU CB  CG   sing N N 97  
GLU CB  HB2  sing N N 98  
GLU CB  HB3  sing N N 99  
GLU CG  CD   sing N N 100 
GLU CG  HG2  sing N N 101 
GLU CG  HG3  sing N N 102 
GLU CD  OE1  doub N N 103 
GLU CD  OE2  sing N N 104 
GLU OE2 HE2  sing N N 105 
GLU OXT HXT  sing N N 106 
GLY N   CA   sing N N 107 
GLY N   H    sing N N 108 
GLY N   H2   sing N N 109 
GLY CA  C    sing N N 110 
GLY CA  HA2  sing N N 111 
GLY CA  HA3  sing N N 112 
GLY C   O    doub N N 113 
GLY C   OXT  sing N N 114 
GLY OXT HXT  sing N N 115 
HIS N   CA   sing N N 116 
HIS N   H    sing N N 117 
HIS N   H2   sing N N 118 
HIS CA  C    sing N N 119 
HIS CA  CB   sing N N 120 
HIS CA  HA   sing N N 121 
HIS C   O    doub N N 122 
HIS C   OXT  sing N N 123 
HIS CB  CG   sing N N 124 
HIS CB  HB2  sing N N 125 
HIS CB  HB3  sing N N 126 
HIS CG  ND1  sing Y N 127 
HIS CG  CD2  doub Y N 128 
HIS ND1 CE1  doub Y N 129 
HIS ND1 HD1  sing N N 130 
HIS CD2 NE2  sing Y N 131 
HIS CD2 HD2  sing N N 132 
HIS CE1 NE2  sing Y N 133 
HIS CE1 HE1  sing N N 134 
HIS NE2 HE2  sing N N 135 
HIS OXT HXT  sing N N 136 
HOH O   H1   sing N N 137 
HOH O   H2   sing N N 138 
ILE N   CA   sing N N 139 
ILE N   H    sing N N 140 
ILE N   H2   sing N N 141 
ILE CA  C    sing N N 142 
ILE CA  CB   sing N N 143 
ILE CA  HA   sing N N 144 
ILE C   O    doub N N 145 
ILE C   OXT  sing N N 146 
ILE CB  CG1  sing N N 147 
ILE CB  CG2  sing N N 148 
ILE CB  HB   sing N N 149 
ILE CG1 CD1  sing N N 150 
ILE CG1 HG12 sing N N 151 
ILE CG1 HG13 sing N N 152 
ILE CG2 HG21 sing N N 153 
ILE CG2 HG22 sing N N 154 
ILE CG2 HG23 sing N N 155 
ILE CD1 HD11 sing N N 156 
ILE CD1 HD12 sing N N 157 
ILE CD1 HD13 sing N N 158 
ILE OXT HXT  sing N N 159 
LEU N   CA   sing N N 160 
LEU N   H    sing N N 161 
LEU N   H2   sing N N 162 
LEU CA  C    sing N N 163 
LEU CA  CB   sing N N 164 
LEU CA  HA   sing N N 165 
LEU C   O    doub N N 166 
LEU C   OXT  sing N N 167 
LEU CB  CG   sing N N 168 
LEU CB  HB2  sing N N 169 
LEU CB  HB3  sing N N 170 
LEU CG  CD1  sing N N 171 
LEU CG  CD2  sing N N 172 
LEU CG  HG   sing N N 173 
LEU CD1 HD11 sing N N 174 
LEU CD1 HD12 sing N N 175 
LEU CD1 HD13 sing N N 176 
LEU CD2 HD21 sing N N 177 
LEU CD2 HD22 sing N N 178 
LEU CD2 HD23 sing N N 179 
LEU OXT HXT  sing N N 180 
LYS N   CA   sing N N 181 
LYS N   H    sing N N 182 
LYS N   H2   sing N N 183 
LYS CA  C    sing N N 184 
LYS CA  CB   sing N N 185 
LYS CA  HA   sing N N 186 
LYS C   O    doub N N 187 
LYS C   OXT  sing N N 188 
LYS CB  CG   sing N N 189 
LYS CB  HB2  sing N N 190 
LYS CB  HB3  sing N N 191 
LYS CG  CD   sing N N 192 
LYS CG  HG2  sing N N 193 
LYS CG  HG3  sing N N 194 
LYS CD  CE   sing N N 195 
LYS CD  HD2  sing N N 196 
LYS CD  HD3  sing N N 197 
LYS CE  NZ   sing N N 198 
LYS CE  HE2  sing N N 199 
LYS CE  HE3  sing N N 200 
LYS NZ  HZ1  sing N N 201 
LYS NZ  HZ2  sing N N 202 
LYS NZ  HZ3  sing N N 203 
LYS OXT HXT  sing N N 204 
MET N   CA   sing N N 205 
MET N   H    sing N N 206 
MET N   H2   sing N N 207 
MET CA  C    sing N N 208 
MET CA  CB   sing N N 209 
MET CA  HA   sing N N 210 
MET C   O    doub N N 211 
MET C   OXT  sing N N 212 
MET CB  CG   sing N N 213 
MET CB  HB2  sing N N 214 
MET CB  HB3  sing N N 215 
MET CG  SD   sing N N 216 
MET CG  HG2  sing N N 217 
MET CG  HG3  sing N N 218 
MET SD  CE   sing N N 219 
MET CE  HE1  sing N N 220 
MET CE  HE2  sing N N 221 
MET CE  HE3  sing N N 222 
MET OXT HXT  sing N N 223 
PHE N   CA   sing N N 224 
PHE N   H    sing N N 225 
PHE N   H2   sing N N 226 
PHE CA  C    sing N N 227 
PHE CA  CB   sing N N 228 
PHE CA  HA   sing N N 229 
PHE C   O    doub N N 230 
PHE C   OXT  sing N N 231 
PHE CB  CG   sing N N 232 
PHE CB  HB2  sing N N 233 
PHE CB  HB3  sing N N 234 
PHE CG  CD1  doub Y N 235 
PHE CG  CD2  sing Y N 236 
PHE CD1 CE1  sing Y N 237 
PHE CD1 HD1  sing N N 238 
PHE CD2 CE2  doub Y N 239 
PHE CD2 HD2  sing N N 240 
PHE CE1 CZ   doub Y N 241 
PHE CE1 HE1  sing N N 242 
PHE CE2 CZ   sing Y N 243 
PHE CE2 HE2  sing N N 244 
PHE CZ  HZ   sing N N 245 
PHE OXT HXT  sing N N 246 
PRO N   CA   sing N N 247 
PRO N   CD   sing N N 248 
PRO N   H    sing N N 249 
PRO CA  C    sing N N 250 
PRO CA  CB   sing N N 251 
PRO CA  HA   sing N N 252 
PRO C   O    doub N N 253 
PRO C   OXT  sing N N 254 
PRO CB  CG   sing N N 255 
PRO CB  HB2  sing N N 256 
PRO CB  HB3  sing N N 257 
PRO CG  CD   sing N N 258 
PRO CG  HG2  sing N N 259 
PRO CG  HG3  sing N N 260 
PRO CD  HD2  sing N N 261 
PRO CD  HD3  sing N N 262 
PRO OXT HXT  sing N N 263 
SER N   CA   sing N N 264 
SER N   H    sing N N 265 
SER N   H2   sing N N 266 
SER CA  C    sing N N 267 
SER CA  CB   sing N N 268 
SER CA  HA   sing N N 269 
SER C   O    doub N N 270 
SER C   OXT  sing N N 271 
SER CB  OG   sing N N 272 
SER CB  HB2  sing N N 273 
SER CB  HB3  sing N N 274 
SER OG  HG   sing N N 275 
SER OXT HXT  sing N N 276 
THR N   CA   sing N N 277 
THR N   H    sing N N 278 
THR N   H2   sing N N 279 
THR CA  C    sing N N 280 
THR CA  CB   sing N N 281 
THR CA  HA   sing N N 282 
THR C   O    doub N N 283 
THR C   OXT  sing N N 284 
THR CB  OG1  sing N N 285 
THR CB  CG2  sing N N 286 
THR CB  HB   sing N N 287 
THR OG1 HG1  sing N N 288 
THR CG2 HG21 sing N N 289 
THR CG2 HG22 sing N N 290 
THR CG2 HG23 sing N N 291 
THR OXT HXT  sing N N 292 
TRP N   CA   sing N N 293 
TRP N   H    sing N N 294 
TRP N   H2   sing N N 295 
TRP CA  C    sing N N 296 
TRP CA  CB   sing N N 297 
TRP CA  HA   sing N N 298 
TRP C   O    doub N N 299 
TRP C   OXT  sing N N 300 
TRP CB  CG   sing N N 301 
TRP CB  HB2  sing N N 302 
TRP CB  HB3  sing N N 303 
TRP CG  CD1  doub Y N 304 
TRP CG  CD2  sing Y N 305 
TRP CD1 NE1  sing Y N 306 
TRP CD1 HD1  sing N N 307 
TRP CD2 CE2  doub Y N 308 
TRP CD2 CE3  sing Y N 309 
TRP NE1 CE2  sing Y N 310 
TRP NE1 HE1  sing N N 311 
TRP CE2 CZ2  sing Y N 312 
TRP CE3 CZ3  doub Y N 313 
TRP CE3 HE3  sing N N 314 
TRP CZ2 CH2  doub Y N 315 
TRP CZ2 HZ2  sing N N 316 
TRP CZ3 CH2  sing Y N 317 
TRP CZ3 HZ3  sing N N 318 
TRP CH2 HH2  sing N N 319 
TRP OXT HXT  sing N N 320 
TYR N   CA   sing N N 321 
TYR N   H    sing N N 322 
TYR N   H2   sing N N 323 
TYR CA  C    sing N N 324 
TYR CA  CB   sing N N 325 
TYR CA  HA   sing N N 326 
TYR C   O    doub N N 327 
TYR C   OXT  sing N N 328 
TYR CB  CG   sing N N 329 
TYR CB  HB2  sing N N 330 
TYR CB  HB3  sing N N 331 
TYR CG  CD1  doub Y N 332 
TYR CG  CD2  sing Y N 333 
TYR CD1 CE1  sing Y N 334 
TYR CD1 HD1  sing N N 335 
TYR CD2 CE2  doub Y N 336 
TYR CD2 HD2  sing N N 337 
TYR CE1 CZ   doub Y N 338 
TYR CE1 HE1  sing N N 339 
TYR CE2 CZ   sing Y N 340 
TYR CE2 HE2  sing N N 341 
TYR CZ  OH   sing N N 342 
TYR OH  HH   sing N N 343 
TYR OXT HXT  sing N N 344 
VAL N   CA   sing N N 345 
VAL N   H    sing N N 346 
VAL N   H2   sing N N 347 
VAL CA  C    sing N N 348 
VAL CA  CB   sing N N 349 
VAL CA  HA   sing N N 350 
VAL C   O    doub N N 351 
VAL C   OXT  sing N N 352 
VAL CB  CG1  sing N N 353 
VAL CB  CG2  sing N N 354 
VAL CB  HB   sing N N 355 
VAL CG1 HG11 sing N N 356 
VAL CG1 HG12 sing N N 357 
VAL CG1 HG13 sing N N 358 
VAL CG2 HG21 sing N N 359 
VAL CG2 HG22 sing N N 360 
VAL CG2 HG23 sing N N 361 
VAL OXT HXT  sing N N 362 
# 
_pdbx_entity_nonpoly.entity_id   2 
_pdbx_entity_nonpoly.name        water 
_pdbx_entity_nonpoly.comp_id     HOH 
# 
_pdbx_initial_refinement_model.id               1 
_pdbx_initial_refinement_model.entity_id_list   ? 
_pdbx_initial_refinement_model.type             'experimental model' 
_pdbx_initial_refinement_model.source_name      PDB 
_pdbx_initial_refinement_model.accession_code   3FMA 
_pdbx_initial_refinement_model.details          ? 
# 
